data_6AR1
#
_entry.id   6AR1
#
_cell.length_a   179.151
_cell.length_b   95.052
_cell.length_c   71.567
_cell.angle_alpha   90.000
_cell.angle_beta   113.550
_cell.angle_gamma   90.000
#
_symmetry.space_group_name_H-M   'C 1 2 1'
#
loop_
_entity.id
_entity.type
_entity.pdbx_description
1 polymer 'GsI-IIC RT'
2 polymer DNA
3 polymer RNA
4 non-polymer "2'-DEOXYADENOSINE 5'-TRIPHOSPHATE"
5 non-polymer 'SULFATE ION'
6 non-polymer 'MAGNESIUM ION'
#
loop_
_entity_poly.entity_id
_entity_poly.type
_entity_poly.pdbx_seq_one_letter_code
_entity_poly.pdbx_strand_id
1 'polypeptide(L)'
;MALLERILARDNLITALKRVEANQGAPGIDGVSTDQLRDYIRAHWSTIHAQLLAGTYRPAPVRRVEIPKPGGGTRQLGIP
TVVDRLIQQAILQELTPIFDPDFSSSSFGFRPGRNAHDAVRQAQGYIQEGYRYVVDMDLEKFFDRVNHDILMSRVARKVK
DKRVLKLIRAYLQAGVMIEGVKVQTEEGTPQGGPLSPLLANILLDDLDKELEKRGLKFCRYADDCNIYVKSLRAGQRVKQ
SIQRFLEKTLKLKVNEEKSAVDRPWKRAFLGFSFTPERKARIRLAPRSIQRLKQRIRQLTNPNWSISMPERIHRVNQYVM
GWIGYFRLVETPSVLQTIEGWIRRRLRLCQWLQWKRVRTRIRELRALGLKETAVMEIANTRKGAWRTTKTPQLHQALGKT
YWTAQGLKSLTQRYFELRQGHHHHHHHH
;
A,D
2 'polydeoxyribonucleotide' (DC)(DT)(DC)(DC)(DA)(DG)(DG)(DC)(DA)(DA)(DC) B,E
3 'polyribonucleotide' UUUGUUGCCUGGAG C,F
#
loop_
_chem_comp.id
_chem_comp.type
_chem_comp.name
_chem_comp.formula
A RNA linking ADENOSINE-5'-MONOPHOSPHATE 'C10 H14 N5 O7 P'
C RNA linking CYTIDINE-5'-MONOPHOSPHATE 'C9 H14 N3 O8 P'
DA DNA linking 2'-DEOXYADENOSINE-5'-MONOPHOSPHATE 'C10 H14 N5 O6 P'
DC DNA linking 2'-DEOXYCYTIDINE-5'-MONOPHOSPHATE 'C9 H14 N3 O7 P'
DG DNA linking 2'-DEOXYGUANOSINE-5'-MONOPHOSPHATE 'C10 H14 N5 O7 P'
DT DNA linking THYMIDINE-5'-MONOPHOSPHATE 'C10 H15 N2 O8 P'
DTP non-polymer '2'-DEOXYADENOSINE 5'-TRIPHOSPHATE' 'C10 H16 N5 O12 P3'
G RNA linking GUANOSINE-5'-MONOPHOSPHATE 'C10 H14 N5 O8 P'
MG non-polymer 'MAGNESIUM ION' 'Mg 2'
SO4 non-polymer 'SULFATE ION' 'O4 S -2'
U RNA linking URIDINE-5'-MONOPHOSPHATE 'C9 H13 N2 O9 P'
#
# COMPACT_ATOMS: atom_id res chain seq x y z
N ALA A 2 -7.18 3.42 48.15
CA ALA A 2 -8.19 3.14 47.09
C ALA A 2 -7.86 3.91 45.79
N LEU A 3 -8.89 4.28 45.02
CA LEU A 3 -8.71 4.80 43.66
C LEU A 3 -8.05 6.17 43.56
N LEU A 4 -8.58 7.15 44.31
CA LEU A 4 -8.03 8.51 44.30
C LEU A 4 -6.60 8.59 44.86
N GLU A 5 -6.23 7.61 45.68
CA GLU A 5 -4.84 7.43 46.11
C GLU A 5 -4.00 6.92 44.94
N ARG A 6 -4.53 5.93 44.22
CA ARG A 6 -3.88 5.37 43.03
C ARG A 6 -3.75 6.37 41.88
N ILE A 7 -4.71 7.31 41.80
CA ILE A 7 -4.68 8.40 40.81
C ILE A 7 -3.55 9.39 41.13
N LEU A 8 -3.39 9.70 42.42
CA LEU A 8 -2.43 10.73 42.87
C LEU A 8 -1.04 10.18 43.24
N ALA A 9 -0.77 8.91 42.90
CA ALA A 9 0.56 8.33 43.06
C ALA A 9 1.57 9.09 42.20
N ARG A 10 2.76 9.28 42.76
CA ARG A 10 3.85 10.05 42.14
C ARG A 10 4.16 9.56 40.72
N ASP A 11 4.20 8.24 40.55
CA ASP A 11 4.46 7.60 39.25
C ASP A 11 3.40 7.95 38.20
N ASN A 12 2.14 7.97 38.64
CA ASN A 12 1.02 8.33 37.77
C ASN A 12 1.03 9.80 37.38
N LEU A 13 1.37 10.66 38.33
CA LEU A 13 1.41 12.11 38.11
C LEU A 13 2.57 12.56 37.21
N ILE A 14 3.70 11.86 37.26
CA ILE A 14 4.85 12.13 36.39
C ILE A 14 4.54 11.73 34.94
N THR A 15 3.88 10.58 34.77
CA THR A 15 3.43 10.15 33.43
C THR A 15 2.36 11.08 32.86
N ALA A 16 1.50 11.59 33.73
CA ALA A 16 0.52 12.61 33.37
C ALA A 16 1.16 13.95 33.05
N LEU A 17 2.20 14.30 33.81
CA LEU A 17 2.97 15.53 33.60
C LEU A 17 3.64 15.53 32.23
N LYS A 18 4.38 14.46 31.94
CA LYS A 18 5.15 14.33 30.71
C LYS A 18 4.25 14.30 29.46
N ARG A 19 3.00 13.86 29.62
CA ARG A 19 2.00 13.92 28.54
C ARG A 19 1.60 15.37 28.24
N VAL A 20 1.24 16.11 29.29
CA VAL A 20 0.82 17.51 29.16
C VAL A 20 1.93 18.36 28.56
N GLU A 21 3.17 18.10 29.01
CA GLU A 21 4.35 18.76 28.49
C GLU A 21 4.71 18.35 27.06
N ALA A 22 4.46 17.08 26.71
CA ALA A 22 4.71 16.58 25.35
C ALA A 22 3.76 17.20 24.32
N ASN A 23 2.51 17.39 24.71
CA ASN A 23 1.46 17.96 23.85
C ASN A 23 1.74 19.41 23.46
N GLN A 24 2.34 20.15 24.39
CA GLN A 24 2.60 21.60 24.24
C GLN A 24 1.33 22.36 23.85
N GLY A 25 0.24 22.07 24.57
CA GLY A 25 -1.01 22.80 24.38
C GLY A 25 -0.89 24.23 24.87
N ALA A 26 -1.60 25.13 24.18
CA ALA A 26 -1.73 26.53 24.59
C ALA A 26 -2.30 26.61 26.01
N PRO A 27 -1.97 27.68 26.77
CA PRO A 27 -2.44 27.79 28.16
C PRO A 27 -3.96 27.80 28.33
N GLY A 28 -4.43 27.39 29.50
CA GLY A 28 -5.83 27.55 29.87
C GLY A 28 -6.14 29.01 30.21
N ILE A 29 -7.16 29.21 31.04
CA ILE A 29 -7.67 30.55 31.33
C ILE A 29 -6.71 31.45 32.12
N ASP A 30 -5.88 30.83 32.94
CA ASP A 30 -4.97 31.56 33.82
C ASP A 30 -3.58 31.82 33.21
N GLY A 31 -3.41 31.50 31.94
CA GLY A 31 -2.22 31.90 31.17
C GLY A 31 -0.90 31.18 31.40
N VAL A 32 -0.88 30.19 32.30
CA VAL A 32 0.34 29.39 32.54
C VAL A 32 0.47 28.29 31.47
N SER A 33 1.59 28.31 30.75
CA SER A 33 1.84 27.36 29.67
C SER A 33 2.36 26.03 30.22
N THR A 34 2.54 25.05 29.34
CA THR A 34 3.12 23.76 29.71
C THR A 34 4.60 23.91 30.04
N ASP A 35 5.21 24.95 29.47
CA ASP A 35 6.63 25.27 29.68
C ASP A 35 6.98 25.59 31.14
N GLN A 36 5.99 26.06 31.91
CA GLN A 36 6.16 26.25 33.36
C GLN A 36 5.11 25.50 34.18
N LEU A 37 4.79 24.27 33.78
CA LEU A 37 3.88 23.42 34.56
C LEU A 37 4.52 22.87 35.84
N ARG A 38 5.77 22.38 35.71
CA ARG A 38 6.56 21.87 36.84
C ARG A 38 6.71 22.91 37.95
N ASP A 39 7.15 24.11 37.58
CA ASP A 39 7.34 25.20 38.54
C ASP A 39 6.04 25.69 39.15
N TYR A 40 4.92 25.53 38.44
CA TYR A 40 3.61 25.83 38.98
C TYR A 40 3.21 24.82 40.07
N ILE A 41 3.29 23.53 39.76
CA ILE A 41 2.95 22.47 40.71
C ILE A 41 3.89 22.40 41.92
N ARG A 42 5.19 22.66 41.70
CA ARG A 42 6.16 22.77 42.81
C ARG A 42 5.77 23.86 43.82
N ALA A 43 5.19 24.95 43.33
CA ALA A 43 4.74 26.07 44.16
C ALA A 43 3.40 25.84 44.86
N HIS A 44 2.50 25.09 44.22
CA HIS A 44 1.11 24.98 44.68
C HIS A 44 0.56 23.57 44.96
N TRP A 45 1.40 22.54 44.85
CA TRP A 45 0.94 21.15 45.06
C TRP A 45 0.38 20.89 46.45
N SER A 46 1.05 21.43 47.48
CA SER A 46 0.59 21.34 48.88
C SER A 46 -0.88 21.76 49.03
N THR A 47 -1.26 22.84 48.36
CA THR A 47 -2.64 23.33 48.32
C THR A 47 -3.54 22.43 47.45
N ILE A 48 -3.08 22.09 46.24
CA ILE A 48 -3.87 21.31 45.28
C ILE A 48 -4.14 19.88 45.80
N HIS A 49 -3.04 19.19 46.15
CA HIS A 49 -3.06 17.81 46.66
C HIS A 49 -4.09 17.58 47.74
N ALA A 50 -4.06 18.47 48.73
CA ALA A 50 -4.96 18.42 49.88
C ALA A 50 -6.40 18.70 49.48
N GLN A 51 -6.60 19.80 48.75
CA GLN A 51 -7.93 20.30 48.39
C GLN A 51 -8.79 19.30 47.62
N LEU A 52 -8.16 18.57 46.70
CA LEU A 52 -8.87 17.62 45.83
C LEU A 52 -9.27 16.29 46.48
N LEU A 53 -8.39 15.74 47.32
CA LEU A 53 -8.69 14.51 48.06
C LEU A 53 -9.71 14.70 49.19
N ALA A 54 -9.87 15.95 49.63
CA ALA A 54 -10.92 16.34 50.60
C ALA A 54 -12.31 16.31 49.97
N GLY A 55 -12.38 16.65 48.69
CA GLY A 55 -13.64 16.75 47.95
C GLY A 55 -14.08 18.17 47.67
N THR A 56 -13.30 19.13 48.17
CA THR A 56 -13.62 20.57 48.08
C THR A 56 -13.22 21.21 46.75
N TYR A 57 -12.12 20.72 46.16
CA TYR A 57 -11.54 21.29 44.93
C TYR A 57 -12.51 21.36 43.75
N ARG A 58 -12.94 22.58 43.45
CA ARG A 58 -13.64 22.85 42.20
C ARG A 58 -12.61 23.40 41.19
N PRO A 59 -12.44 22.72 40.04
CA PRO A 59 -11.37 23.09 39.11
C PRO A 59 -11.64 24.40 38.38
N ALA A 60 -10.58 24.94 37.77
CA ALA A 60 -10.65 26.21 37.05
C ALA A 60 -11.55 26.09 35.82
N PRO A 61 -12.28 27.18 35.47
CA PRO A 61 -13.16 27.13 34.29
C PRO A 61 -12.37 27.11 32.98
N VAL A 62 -12.91 26.41 31.98
CA VAL A 62 -12.24 26.26 30.67
C VAL A 62 -12.33 27.52 29.79
N ARG A 63 -11.43 27.61 28.82
CA ARG A 63 -11.34 28.74 27.89
C ARG A 63 -12.02 28.43 26.56
N ARG A 64 -12.92 29.31 26.13
CA ARG A 64 -13.71 29.12 24.92
C ARG A 64 -12.93 29.54 23.69
N VAL A 65 -12.73 28.59 22.77
CA VAL A 65 -12.02 28.85 21.51
C VAL A 65 -12.79 28.24 20.33
N GLU A 66 -13.29 29.11 19.45
CA GLU A 66 -14.00 28.69 18.23
C GLU A 66 -12.98 28.26 17.18
N ILE A 67 -13.12 27.03 16.68
CA ILE A 67 -12.25 26.50 15.60
C ILE A 67 -13.10 25.82 14.53
N PRO A 68 -12.63 25.81 13.26
CA PRO A 68 -13.42 25.21 12.18
C PRO A 68 -13.37 23.68 12.20
N LYS A 69 -14.51 23.05 11.90
CA LYS A 69 -14.57 21.59 11.72
C LYS A 69 -14.56 21.24 10.21
N PRO A 70 -14.05 20.03 9.85
CA PRO A 70 -13.96 19.60 8.44
C PRO A 70 -15.27 19.62 7.64
N GLY A 71 -16.41 19.45 8.33
CA GLY A 71 -17.74 19.50 7.70
C GLY A 71 -18.13 20.86 7.15
N GLY A 72 -17.81 21.91 7.91
CA GLY A 72 -18.13 23.28 7.52
C GLY A 72 -18.28 24.25 8.67
N GLY A 73 -19.03 23.84 9.70
CA GLY A 73 -19.37 24.70 10.84
C GLY A 73 -18.25 25.01 11.80
N THR A 74 -18.62 25.40 13.02
CA THR A 74 -17.67 25.81 14.05
C THR A 74 -17.76 24.90 15.27
N ARG A 75 -16.60 24.66 15.87
CA ARG A 75 -16.45 23.81 17.05
C ARG A 75 -16.02 24.64 18.27
N GLN A 76 -16.84 24.60 19.32
CA GLN A 76 -16.52 25.29 20.58
C GLN A 76 -15.56 24.42 21.40
N LEU A 77 -14.29 24.84 21.48
CA LEU A 77 -13.32 24.17 22.36
C LEU A 77 -13.51 24.63 23.80
N GLY A 78 -13.05 23.80 24.73
CA GLY A 78 -13.01 24.13 26.15
C GLY A 78 -11.68 23.70 26.71
N ILE A 79 -10.74 24.65 26.78
CA ILE A 79 -9.36 24.39 27.19
C ILE A 79 -9.22 24.54 28.71
N PRO A 80 -8.96 23.42 29.43
CA PRO A 80 -8.71 23.57 30.87
C PRO A 80 -7.32 24.14 31.15
N THR A 81 -7.07 24.58 32.38
CA THR A 81 -5.74 24.99 32.82
C THR A 81 -4.80 23.79 32.79
N VAL A 82 -3.50 24.03 32.53
CA VAL A 82 -2.49 22.95 32.49
C VAL A 82 -2.57 21.96 33.67
N VAL A 83 -2.86 22.47 34.86
CA VAL A 83 -3.02 21.64 36.06
C VAL A 83 -4.32 20.81 36.01
N ASP A 84 -5.39 21.39 35.44
CA ASP A 84 -6.63 20.66 35.22
C ASP A 84 -6.49 19.63 34.12
N ARG A 85 -5.64 19.92 33.12
CA ARG A 85 -5.26 18.93 32.11
C ARG A 85 -4.42 17.83 32.73
N LEU A 86 -3.51 18.20 33.63
CA LEU A 86 -2.67 17.26 34.37
C LEU A 86 -3.49 16.31 35.25
N ILE A 87 -4.46 16.86 35.98
CA ILE A 87 -5.34 16.08 36.86
C ILE A 87 -6.26 15.17 36.06
N GLN A 88 -6.88 15.70 35.00
CA GLN A 88 -7.74 14.91 34.11
C GLN A 88 -7.01 13.74 33.46
N GLN A 89 -5.74 13.97 33.08
CA GLN A 89 -4.87 12.94 32.54
C GLN A 89 -4.63 11.82 33.57
N ALA A 90 -4.32 12.20 34.81
CA ALA A 90 -4.12 11.25 35.91
C ALA A 90 -5.35 10.38 36.18
N ILE A 91 -6.54 10.98 36.04
CA ILE A 91 -7.82 10.26 36.19
C ILE A 91 -7.97 9.26 35.01
N LEU A 92 -7.81 9.78 33.79
CA LEU A 92 -7.85 8.98 32.56
C LEU A 92 -6.92 7.77 32.60
N GLN A 93 -5.71 7.96 33.10
CA GLN A 93 -4.69 6.90 33.15
C GLN A 93 -5.10 5.73 34.05
N GLU A 94 -5.81 6.04 35.14
CA GLU A 94 -6.30 5.01 36.05
C GLU A 94 -7.67 4.46 35.71
N LEU A 95 -8.55 5.30 35.17
CA LEU A 95 -9.88 4.86 34.75
C LEU A 95 -9.89 3.97 33.50
N THR A 96 -8.88 4.14 32.62
CA THR A 96 -8.77 3.36 31.39
C THR A 96 -8.84 1.83 31.62
N PRO A 97 -7.93 1.24 32.45
CA PRO A 97 -8.01 -0.21 32.68
C PRO A 97 -9.28 -0.72 33.40
N ILE A 98 -10.01 0.18 34.09
CA ILE A 98 -11.29 -0.17 34.71
C ILE A 98 -12.36 -0.39 33.64
N PHE A 99 -12.44 0.54 32.68
CA PHE A 99 -13.51 0.54 31.66
C PHE A 99 -13.13 -0.12 30.34
N ASP A 100 -11.92 0.14 29.84
CA ASP A 100 -11.53 -0.20 28.46
C ASP A 100 -11.60 -1.69 28.07
N PRO A 101 -11.24 -2.62 28.99
CA PRO A 101 -11.35 -4.04 28.64
C PRO A 101 -12.79 -4.52 28.40
N ASP A 102 -13.74 -3.86 29.05
CA ASP A 102 -15.16 -4.22 28.97
C ASP A 102 -15.96 -3.42 27.92
N PHE A 103 -15.27 -2.57 27.15
CA PHE A 103 -15.88 -1.93 25.97
C PHE A 103 -16.03 -2.96 24.85
N SER A 104 -16.90 -2.64 23.88
CA SER A 104 -17.28 -3.57 22.82
C SER A 104 -16.14 -3.88 21.86
N SER A 105 -16.20 -5.08 21.28
CA SER A 105 -15.30 -5.54 20.23
C SER A 105 -15.35 -4.61 19.00
N SER A 106 -16.55 -4.09 18.72
CA SER A 106 -16.81 -3.23 17.56
C SER A 106 -16.70 -1.72 17.86
N SER A 107 -16.16 -1.38 19.03
CA SER A 107 -15.90 0.03 19.39
C SER A 107 -14.43 0.34 19.14
N PHE A 108 -14.17 1.31 18.26
CA PHE A 108 -12.81 1.63 17.79
C PHE A 108 -12.33 3.06 18.03
N GLY A 109 -13.20 3.91 18.55
CA GLY A 109 -12.88 5.34 18.73
C GLY A 109 -12.37 5.67 20.13
N PHE A 110 -11.26 6.42 20.17
CA PHE A 110 -10.62 6.92 21.41
C PHE A 110 -9.89 5.88 22.27
N ARG A 111 -9.76 4.64 21.77
CA ARG A 111 -9.27 3.52 22.58
C ARG A 111 -7.82 3.12 22.22
N PRO A 112 -7.04 2.65 23.22
CA PRO A 112 -5.67 2.23 22.94
C PRO A 112 -5.60 0.92 22.15
N GLY A 113 -4.60 0.81 21.26
CA GLY A 113 -4.41 -0.38 20.42
C GLY A 113 -5.47 -0.60 19.35
N ARG A 114 -6.23 0.46 19.05
CA ARG A 114 -7.33 0.43 18.07
C ARG A 114 -7.35 1.73 17.28
N ASN A 115 -7.73 1.65 16.00
CA ASN A 115 -7.73 2.82 15.11
C ASN A 115 -8.87 2.76 14.10
N ALA A 116 -8.93 3.77 13.22
CA ALA A 116 -9.96 3.87 12.18
C ALA A 116 -9.89 2.74 11.16
N HIS A 117 -8.66 2.27 10.87
CA HIS A 117 -8.45 1.15 9.95
C HIS A 117 -9.16 -0.13 10.39
N ASP A 118 -9.13 -0.40 11.71
CA ASP A 118 -9.83 -1.55 12.30
C ASP A 118 -11.35 -1.46 12.13
N ALA A 119 -11.88 -0.24 12.25
CA ALA A 119 -13.30 0.04 12.06
C ALA A 119 -13.74 -0.12 10.59
N VAL A 120 -12.89 0.31 9.66
CA VAL A 120 -13.18 0.24 8.22
C VAL A 120 -13.06 -1.20 7.70
N ARG A 121 -12.02 -1.91 8.14
CA ARG A 121 -11.81 -3.31 7.73
C ARG A 121 -12.95 -4.22 8.16
N GLN A 122 -13.46 -4.01 9.37
CA GLN A 122 -14.63 -4.75 9.89
C GLN A 122 -15.91 -4.37 9.12
N ALA A 123 -16.08 -3.08 8.87
CA ALA A 123 -17.17 -2.55 8.05
C ALA A 123 -17.18 -3.13 6.63
N GLN A 124 -15.98 -3.26 6.05
CA GLN A 124 -15.79 -3.91 4.75
C GLN A 124 -16.16 -5.40 4.82
N GLY A 125 -15.73 -6.06 5.90
CA GLY A 125 -16.02 -7.47 6.14
C GLY A 125 -17.48 -7.85 6.03
N TYR A 126 -18.36 -6.97 6.54
CA TYR A 126 -19.81 -7.21 6.52
C TYR A 126 -20.40 -7.10 5.11
N ILE A 127 -20.10 -6.00 4.42
CA ILE A 127 -20.54 -5.80 3.03
C ILE A 127 -19.93 -6.83 2.06
N GLN A 128 -18.72 -7.27 2.36
CA GLN A 128 -18.03 -8.32 1.58
C GLN A 128 -18.75 -9.68 1.73
N GLU A 129 -19.26 -9.97 2.92
CA GLU A 129 -19.98 -11.21 3.19
C GLU A 129 -21.40 -11.24 2.58
N GLY A 130 -22.01 -10.07 2.45
CA GLY A 130 -23.36 -9.96 1.88
C GLY A 130 -24.31 -8.93 2.47
N TYR A 131 -23.88 -8.27 3.54
CA TYR A 131 -24.67 -7.23 4.20
C TYR A 131 -24.41 -5.86 3.53
N ARG A 132 -25.01 -5.68 2.35
CA ARG A 132 -24.63 -4.62 1.41
C ARG A 132 -25.41 -3.28 1.50
N TYR A 133 -25.90 -2.95 2.71
CA TYR A 133 -26.57 -1.67 2.96
C TYR A 133 -26.22 -1.16 4.34
N VAL A 134 -25.75 0.08 4.41
CA VAL A 134 -25.33 0.71 5.68
C VAL A 134 -26.45 1.57 6.28
N VAL A 135 -26.46 1.63 7.62
CA VAL A 135 -27.34 2.52 8.37
C VAL A 135 -26.41 3.56 9.03
N ASP A 136 -26.01 4.55 8.23
CA ASP A 136 -25.06 5.58 8.67
C ASP A 136 -25.71 6.53 9.68
N MET A 137 -24.94 6.89 10.72
CA MET A 137 -25.45 7.70 11.82
C MET A 137 -24.35 8.56 12.46
N ASP A 138 -24.77 9.68 13.03
CA ASP A 138 -23.88 10.62 13.74
C ASP A 138 -24.73 11.53 14.63
N LEU A 139 -24.17 11.93 15.77
CA LEU A 139 -24.91 12.72 16.77
C LEU A 139 -24.59 14.21 16.65
N GLU A 140 -25.59 15.05 16.94
CA GLU A 140 -25.47 16.50 16.90
C GLU A 140 -24.76 17.03 18.14
N LYS A 141 -23.66 17.76 17.93
CA LYS A 141 -22.92 18.41 19.02
C LYS A 141 -22.67 17.47 20.21
N PHE A 142 -22.10 16.30 19.89
CA PHE A 142 -22.08 15.14 20.79
C PHE A 142 -21.56 15.41 22.20
N PHE A 143 -20.37 16.01 22.29
CA PHE A 143 -19.76 16.34 23.58
C PHE A 143 -20.53 17.41 24.34
N ASP A 144 -21.14 18.34 23.61
CA ASP A 144 -21.90 19.46 24.20
C ASP A 144 -23.23 19.02 24.81
N ARG A 145 -23.83 17.98 24.26
CA ARG A 145 -25.18 17.53 24.65
C ARG A 145 -25.18 16.30 25.58
N VAL A 146 -24.04 16.03 26.22
CA VAL A 146 -23.92 14.92 27.18
C VAL A 146 -24.58 15.33 28.50
N ASN A 147 -25.61 14.59 28.90
CA ASN A 147 -26.29 14.84 30.17
C ASN A 147 -25.43 14.35 31.33
N HIS A 148 -25.23 15.19 32.34
CA HIS A 148 -24.35 14.88 33.47
C HIS A 148 -24.83 13.71 34.31
N ASP A 149 -26.13 13.60 34.52
CA ASP A 149 -26.70 12.51 35.33
C ASP A 149 -26.56 11.13 34.69
N ILE A 150 -26.81 11.06 33.38
CA ILE A 150 -26.73 9.79 32.64
C ILE A 150 -25.26 9.33 32.49
N LEU A 151 -24.34 10.29 32.35
CA LEU A 151 -22.92 9.99 32.29
C LEU A 151 -22.40 9.43 33.62
N MET A 152 -22.61 10.19 34.69
CA MET A 152 -22.14 9.81 36.03
C MET A 152 -22.74 8.51 36.56
N SER A 153 -23.97 8.21 36.13
CA SER A 153 -24.62 6.93 36.42
C SER A 153 -23.84 5.77 35.78
N ARG A 154 -23.46 5.94 34.52
CA ARG A 154 -22.68 4.92 33.79
C ARG A 154 -21.24 4.81 34.30
N VAL A 155 -20.70 5.93 34.80
CA VAL A 155 -19.40 5.95 35.49
C VAL A 155 -19.52 5.22 36.83
N ALA A 156 -20.60 5.49 37.57
CA ALA A 156 -20.86 4.88 38.88
C ALA A 156 -20.99 3.35 38.91
N ARG A 157 -21.25 2.75 37.74
CA ARG A 157 -21.39 1.28 37.62
C ARG A 157 -20.09 0.56 37.96
N LYS A 158 -18.98 1.04 37.43
CA LYS A 158 -17.67 0.40 37.62
C LYS A 158 -16.79 1.03 38.69
N VAL A 159 -16.99 2.33 38.93
CA VAL A 159 -16.21 3.06 39.95
C VAL A 159 -17.12 3.50 41.12
N LYS A 160 -16.89 2.88 42.27
CA LYS A 160 -17.74 3.07 43.46
C LYS A 160 -17.21 4.18 44.39
N ASP A 161 -16.00 4.65 44.12
CA ASP A 161 -15.35 5.68 44.96
C ASP A 161 -16.09 7.02 44.83
N LYS A 162 -16.64 7.48 45.96
CA LYS A 162 -17.41 8.74 46.02
C LYS A 162 -16.57 9.98 45.77
N ARG A 163 -15.29 9.92 46.11
CA ARG A 163 -14.36 11.05 45.99
C ARG A 163 -14.07 11.39 44.54
N VAL A 164 -13.85 10.34 43.71
CA VAL A 164 -13.58 10.53 42.28
C VAL A 164 -14.84 10.86 41.49
N LEU A 165 -15.98 10.33 41.90
CA LEU A 165 -17.28 10.65 41.27
C LEU A 165 -17.63 12.13 41.40
N LYS A 166 -17.34 12.70 42.56
CA LYS A 166 -17.45 14.13 42.79
C LYS A 166 -16.42 14.91 41.96
N LEU A 167 -15.19 14.39 41.89
CA LEU A 167 -14.12 15.00 41.11
C LEU A 167 -14.43 15.06 39.61
N ILE A 168 -14.95 13.94 39.07
CA ILE A 168 -15.35 13.86 37.65
C ILE A 168 -16.52 14.82 37.39
N ARG A 169 -17.51 14.80 38.30
CA ARG A 169 -18.65 15.71 38.23
C ARG A 169 -18.22 17.19 38.35
N ALA A 170 -17.20 17.45 39.16
CA ALA A 170 -16.64 18.81 39.30
C ALA A 170 -16.10 19.34 37.98
N TYR A 171 -15.41 18.49 37.24
CA TYR A 171 -14.89 18.82 35.91
C TYR A 171 -16.00 19.01 34.87
N LEU A 172 -17.07 18.21 34.99
CA LEU A 172 -18.27 18.38 34.18
C LEU A 172 -19.00 19.68 34.54
N GLN A 173 -19.06 19.98 35.84
CA GLN A 173 -19.72 21.17 36.37
C GLN A 173 -18.96 22.47 36.07
N ALA A 174 -17.63 22.37 36.01
CA ALA A 174 -16.73 23.52 35.81
C ALA A 174 -17.18 24.35 34.60
N GLY A 175 -17.25 25.66 34.81
CA GLY A 175 -17.84 26.54 33.83
C GLY A 175 -16.93 26.97 32.71
N VAL A 176 -17.38 27.99 31.98
CA VAL A 176 -16.59 28.65 30.95
C VAL A 176 -16.40 30.12 31.36
N MET A 177 -15.21 30.65 31.12
CA MET A 177 -14.89 32.02 31.49
C MET A 177 -15.05 32.95 30.29
N ILE A 178 -16.19 33.65 30.26
CA ILE A 178 -16.52 34.57 29.17
C ILE A 178 -16.25 36.00 29.61
N GLU A 179 -15.10 36.54 29.21
CA GLU A 179 -14.66 37.89 29.56
C GLU A 179 -14.75 38.16 31.07
N GLY A 180 -14.18 37.23 31.83
CA GLY A 180 -14.10 37.34 33.28
C GLY A 180 -15.35 37.09 34.09
N VAL A 181 -16.15 36.10 33.67
CA VAL A 181 -17.28 35.57 34.47
C VAL A 181 -17.47 34.09 34.21
N LYS A 182 -17.61 33.31 35.29
CA LYS A 182 -17.84 31.87 35.21
C LYS A 182 -19.29 31.58 34.90
N VAL A 183 -19.52 30.87 33.80
CA VAL A 183 -20.86 30.48 33.34
C VAL A 183 -21.01 28.98 33.56
N GLN A 184 -21.94 28.61 34.44
CA GLN A 184 -22.18 27.20 34.83
C GLN A 184 -22.56 26.32 33.63
N THR A 185 -22.12 25.07 33.67
CA THR A 185 -22.37 24.09 32.59
C THR A 185 -23.30 22.97 33.09
N GLU A 186 -24.57 23.06 32.67
CA GLU A 186 -25.59 22.09 33.07
C GLU A 186 -25.44 20.77 32.30
N GLU A 187 -25.06 20.85 31.02
CA GLU A 187 -24.85 19.67 30.18
C GLU A 187 -23.57 19.79 29.34
N GLY A 188 -22.91 18.65 29.11
CA GLY A 188 -21.78 18.58 28.20
C GLY A 188 -20.42 18.52 28.85
N THR A 189 -19.56 17.64 28.33
CA THR A 189 -18.14 17.57 28.69
C THR A 189 -17.35 18.51 27.76
N PRO A 190 -16.28 19.18 28.28
CA PRO A 190 -15.54 20.10 27.42
C PRO A 190 -14.68 19.40 26.37
N GLN A 191 -14.72 19.90 25.14
CA GLN A 191 -13.89 19.39 24.05
C GLN A 191 -12.49 20.00 24.18
N GLY A 192 -11.58 19.24 24.79
CA GLY A 192 -10.30 19.77 25.19
C GLY A 192 -9.80 19.22 26.53
N GLY A 193 -10.73 18.75 27.36
CA GLY A 193 -10.39 18.01 28.57
C GLY A 193 -9.90 16.62 28.19
N PRO A 194 -8.69 16.23 28.64
CA PRO A 194 -8.15 14.87 28.37
C PRO A 194 -9.08 13.71 28.74
N LEU A 195 -9.90 13.90 29.79
CA LEU A 195 -10.83 12.86 30.26
C LEU A 195 -12.11 12.73 29.43
N SER A 196 -12.41 13.74 28.61
CA SER A 196 -13.67 13.81 27.85
C SER A 196 -13.93 12.65 26.86
N PRO A 197 -12.90 12.23 26.06
CA PRO A 197 -13.14 11.09 25.16
C PRO A 197 -13.47 9.75 25.83
N LEU A 198 -12.85 9.44 26.97
CA LEU A 198 -13.18 8.24 27.73
C LEU A 198 -14.63 8.28 28.22
N LEU A 199 -15.00 9.41 28.83
CA LEU A 199 -16.36 9.65 29.30
C LEU A 199 -17.40 9.50 28.18
N ALA A 200 -17.05 9.93 26.97
CA ALA A 200 -17.89 9.78 25.80
C ALA A 200 -18.16 8.30 25.46
N ASN A 201 -17.11 7.48 25.54
CA ASN A 201 -17.21 6.04 25.31
C ASN A 201 -17.99 5.32 26.40
N ILE A 202 -17.88 5.79 27.64
CA ILE A 202 -18.61 5.22 28.78
C ILE A 202 -20.13 5.36 28.59
N LEU A 203 -20.57 6.51 28.09
CA LEU A 203 -21.98 6.76 27.78
C LEU A 203 -22.49 5.88 26.62
N LEU A 204 -21.71 5.85 25.53
CA LEU A 204 -22.03 5.06 24.34
C LEU A 204 -21.73 3.55 24.47
N ASP A 205 -21.17 3.14 25.61
CA ASP A 205 -20.94 1.72 25.92
C ASP A 205 -22.26 0.94 25.91
N ASP A 206 -23.32 1.53 26.46
CA ASP A 206 -24.65 0.92 26.48
C ASP A 206 -25.25 0.75 25.09
N LEU A 207 -25.01 1.73 24.22
CA LEU A 207 -25.42 1.67 22.82
C LEU A 207 -24.80 0.46 22.11
N ASP A 208 -23.54 0.17 22.42
CA ASP A 208 -22.86 -1.02 21.89
C ASP A 208 -23.49 -2.31 22.42
N LYS A 209 -23.78 -2.33 23.72
CA LYS A 209 -24.37 -3.50 24.38
C LYS A 209 -25.79 -3.80 23.88
N GLU A 210 -26.54 -2.74 23.57
CA GLU A 210 -27.89 -2.87 23.01
C GLU A 210 -27.85 -3.45 21.59
N LEU A 211 -26.98 -2.88 20.75
CA LEU A 211 -26.73 -3.38 19.40
C LEU A 211 -26.17 -4.81 19.40
N GLU A 212 -25.30 -5.10 20.38
CA GLU A 212 -24.79 -6.46 20.60
C GLU A 212 -25.91 -7.43 21.04
N LYS A 213 -26.83 -6.94 21.87
CA LYS A 213 -27.97 -7.74 22.33
C LYS A 213 -28.94 -8.07 21.20
N ARG A 214 -29.19 -7.09 20.33
CA ARG A 214 -30.06 -7.28 19.15
C ARG A 214 -29.46 -8.16 18.05
N GLY A 215 -28.16 -8.44 18.14
CA GLY A 215 -27.47 -9.30 17.20
C GLY A 215 -27.19 -8.60 15.88
N LEU A 216 -26.78 -7.33 15.98
CA LEU A 216 -26.55 -6.47 14.82
C LEU A 216 -25.07 -6.28 14.55
N LYS A 217 -24.72 -6.28 13.26
CA LYS A 217 -23.36 -6.08 12.80
C LYS A 217 -23.11 -4.58 12.65
N PHE A 218 -22.08 -4.07 13.31
CA PHE A 218 -21.77 -2.63 13.33
C PHE A 218 -20.30 -2.29 13.55
N CYS A 219 -19.96 -1.00 13.38
CA CYS A 219 -18.63 -0.44 13.67
C CYS A 219 -18.79 0.98 14.21
N ARG A 220 -18.41 1.19 15.46
CA ARG A 220 -18.49 2.52 16.09
C ARG A 220 -17.13 3.17 16.26
N TYR A 221 -17.05 4.45 15.91
CA TYR A 221 -15.87 5.28 16.11
C TYR A 221 -16.35 6.61 16.66
N ALA A 222 -16.35 6.73 18.00
CA ALA A 222 -16.94 7.88 18.72
C ALA A 222 -18.44 7.94 18.44
N ASP A 223 -18.97 9.13 18.12
CA ASP A 223 -20.39 9.27 17.81
C ASP A 223 -20.73 8.67 16.45
N ASP A 224 -19.73 8.55 15.57
CA ASP A 224 -19.94 8.03 14.22
C ASP A 224 -20.13 6.52 14.29
N CYS A 225 -21.40 6.12 14.39
CA CYS A 225 -21.80 4.74 14.47
C CYS A 225 -22.58 4.36 13.23
N ASN A 226 -22.35 3.15 12.73
CA ASN A 226 -23.14 2.65 11.61
C ASN A 226 -23.32 1.14 11.61
N ILE A 227 -24.53 0.71 11.28
CA ILE A 227 -24.96 -0.69 11.36
C ILE A 227 -25.18 -1.20 9.93
N TYR A 228 -24.67 -2.39 9.65
CA TYR A 228 -24.72 -2.99 8.32
C TYR A 228 -25.78 -4.10 8.27
N VAL A 229 -26.55 -4.12 7.18
CA VAL A 229 -27.76 -4.94 7.08
C VAL A 229 -27.90 -5.62 5.71
N LYS A 230 -28.77 -6.63 5.63
CA LYS A 230 -28.97 -7.42 4.42
C LYS A 230 -29.76 -6.70 3.32
N SER A 231 -30.76 -5.92 3.73
CA SER A 231 -31.61 -5.15 2.80
C SER A 231 -31.92 -3.74 3.34
N LEU A 232 -32.46 -2.89 2.47
CA LEU A 232 -32.82 -1.50 2.82
C LEU A 232 -34.04 -1.38 3.74
N ARG A 233 -34.95 -2.35 3.65
CA ARG A 233 -36.11 -2.41 4.53
C ARG A 233 -35.69 -2.67 5.98
N ALA A 234 -34.78 -3.63 6.16
CA ALA A 234 -34.19 -3.95 7.47
C ALA A 234 -33.38 -2.77 8.02
N GLY A 235 -32.69 -2.06 7.12
CA GLY A 235 -31.93 -0.86 7.46
C GLY A 235 -32.78 0.33 7.85
N GLN A 236 -33.91 0.50 7.17
CA GLN A 236 -34.87 1.55 7.49
C GLN A 236 -35.60 1.26 8.79
N ARG A 237 -35.87 -0.03 9.03
CA ARG A 237 -36.53 -0.49 10.26
C ARG A 237 -35.70 -0.16 11.50
N VAL A 238 -34.43 -0.56 11.49
CA VAL A 238 -33.50 -0.38 12.60
C VAL A 238 -33.07 1.08 12.83
N LYS A 239 -33.17 1.91 11.78
CA LYS A 239 -32.77 3.31 11.84
C LYS A 239 -33.56 4.11 12.89
N GLN A 240 -34.88 4.15 12.74
CA GLN A 240 -35.76 4.91 13.66
C GLN A 240 -35.92 4.23 15.02
N SER A 241 -35.70 2.91 15.08
CA SER A 241 -35.76 2.15 16.33
C SER A 241 -34.58 2.46 17.24
N ILE A 242 -33.38 2.44 16.65
CA ILE A 242 -32.14 2.77 17.36
C ILE A 242 -32.04 4.28 17.64
N GLN A 243 -32.67 5.09 16.78
CA GLN A 243 -32.73 6.55 16.97
C GLN A 243 -33.42 6.90 18.29
N ARG A 244 -34.58 6.27 18.52
CA ARG A 244 -35.37 6.53 19.74
C ARG A 244 -34.72 5.98 21.01
N PHE A 245 -33.94 4.91 20.89
CA PHE A 245 -33.22 4.33 22.02
C PHE A 245 -32.30 5.35 22.69
N LEU A 246 -31.33 5.85 21.93
CA LEU A 246 -30.33 6.80 22.42
C LEU A 246 -30.90 8.21 22.69
N GLU A 247 -32.05 8.52 22.11
CA GLU A 247 -32.72 9.81 22.30
C GLU A 247 -33.53 9.88 23.61
N LYS A 248 -34.04 8.74 24.08
CA LYS A 248 -34.86 8.69 25.29
C LYS A 248 -34.12 8.09 26.49
N THR A 249 -33.48 6.93 26.30
CA THR A 249 -32.76 6.25 27.37
C THR A 249 -31.46 6.98 27.72
N LEU A 250 -30.70 7.34 26.68
CA LEU A 250 -29.40 8.00 26.83
C LEU A 250 -29.47 9.53 26.74
N LYS A 251 -30.56 10.04 26.16
CA LYS A 251 -30.79 11.48 25.93
C LYS A 251 -29.68 12.14 25.10
N LEU A 252 -29.60 11.76 23.83
CA LEU A 252 -28.71 12.40 22.87
C LEU A 252 -29.41 12.62 21.54
N LYS A 253 -29.18 13.77 20.92
CA LYS A 253 -29.81 14.07 19.64
C LYS A 253 -28.99 13.48 18.48
N VAL A 254 -29.69 13.09 17.43
CA VAL A 254 -29.10 12.52 16.21
C VAL A 254 -29.04 13.60 15.13
N ASN A 255 -27.93 13.65 14.40
CA ASN A 255 -27.74 14.55 13.27
C ASN A 255 -28.36 13.95 12.02
N GLU A 256 -29.55 14.42 11.66
CA GLU A 256 -30.30 13.89 10.52
C GLU A 256 -29.69 14.24 9.16
N GLU A 257 -28.91 15.33 9.11
CA GLU A 257 -28.18 15.73 7.90
C GLU A 257 -27.08 14.72 7.57
N LYS A 258 -26.39 14.26 8.60
CA LYS A 258 -25.31 13.28 8.47
C LYS A 258 -25.84 11.84 8.45
N SER A 259 -26.90 11.58 9.24
CA SER A 259 -27.51 10.25 9.33
C SER A 259 -28.32 9.92 8.09
N ALA A 260 -28.13 8.72 7.56
CA ALA A 260 -28.85 8.24 6.37
C ALA A 260 -28.85 6.73 6.30
N VAL A 261 -29.73 6.19 5.45
CA VAL A 261 -29.83 4.75 5.25
C VAL A 261 -29.52 4.41 3.78
N ASP A 262 -28.39 4.90 3.30
CA ASP A 262 -28.00 4.72 1.91
C ASP A 262 -27.15 3.47 1.72
N ARG A 263 -26.68 3.25 0.50
CA ARG A 263 -25.71 2.19 0.19
C ARG A 263 -24.33 2.62 0.74
N PRO A 264 -23.49 1.64 1.17
CA PRO A 264 -22.22 2.02 1.80
C PRO A 264 -21.25 2.72 0.84
N TRP A 265 -21.29 2.37 -0.44
CA TRP A 265 -20.45 3.02 -1.46
C TRP A 265 -20.94 4.38 -1.95
N LYS A 266 -22.12 4.79 -1.50
CA LYS A 266 -22.64 6.14 -1.75
C LYS A 266 -22.51 7.04 -0.52
N ARG A 267 -21.78 6.58 0.51
CA ARG A 267 -21.53 7.36 1.74
C ARG A 267 -20.09 7.25 2.24
N ALA A 268 -19.69 8.19 3.09
CA ALA A 268 -18.33 8.27 3.65
C ALA A 268 -18.27 7.80 5.10
N PHE A 269 -17.24 6.99 5.39
CA PHE A 269 -17.01 6.45 6.73
C PHE A 269 -15.52 6.55 7.07
N LEU A 270 -15.19 7.54 7.92
CA LEU A 270 -13.83 7.81 8.39
C LEU A 270 -12.86 8.15 7.25
N GLY A 271 -13.32 9.02 6.35
CA GLY A 271 -12.51 9.50 5.22
C GLY A 271 -12.43 8.54 4.04
N PHE A 272 -13.04 7.36 4.19
CA PHE A 272 -13.06 6.34 3.16
C PHE A 272 -14.48 6.14 2.65
N SER A 273 -14.57 5.55 1.46
CA SER A 273 -15.82 4.99 0.95
C SER A 273 -15.51 3.62 0.35
N PHE A 274 -16.53 2.99 -0.21
CA PHE A 274 -16.40 1.66 -0.82
C PHE A 274 -16.69 1.73 -2.31
N THR A 275 -16.49 0.62 -3.01
CA THR A 275 -16.77 0.51 -4.44
C THR A 275 -18.06 -0.30 -4.67
N PRO A 276 -18.71 -0.11 -5.85
CA PRO A 276 -19.85 -0.97 -6.23
C PRO A 276 -19.55 -2.46 -6.49
N GLU A 277 -18.26 -2.85 -6.49
CA GLU A 277 -17.83 -4.19 -6.93
C GLU A 277 -18.36 -5.35 -6.08
N ARG A 278 -18.42 -6.55 -6.69
CA ARG A 278 -18.96 -7.76 -6.03
C ARG A 278 -18.19 -8.16 -4.76
N LYS A 279 -16.92 -7.79 -4.70
CA LYS A 279 -16.19 -7.68 -3.44
C LYS A 279 -15.79 -6.23 -3.27
N ALA A 280 -16.44 -5.54 -2.33
CA ALA A 280 -16.37 -4.08 -2.21
C ALA A 280 -15.00 -3.56 -1.75
N ARG A 281 -14.22 -3.06 -2.71
CA ARG A 281 -12.90 -2.48 -2.42
C ARG A 281 -13.03 -1.14 -1.73
N ILE A 282 -12.05 -0.82 -0.88
CA ILE A 282 -11.99 0.45 -0.16
C ILE A 282 -11.41 1.52 -1.10
N ARG A 283 -12.10 2.65 -1.18
CA ARG A 283 -11.65 3.81 -1.96
C ARG A 283 -11.65 5.08 -1.11
N LEU A 284 -11.10 6.15 -1.69
CA LEU A 284 -11.12 7.46 -1.04
C LEU A 284 -12.52 8.07 -1.13
N ALA A 285 -12.91 8.75 -0.07
CA ALA A 285 -14.12 9.59 -0.08
C ALA A 285 -13.83 10.82 -0.94
N PRO A 286 -14.87 11.41 -1.58
CA PRO A 286 -14.64 12.57 -2.45
C PRO A 286 -14.02 13.75 -1.70
N ARG A 287 -14.41 13.94 -0.44
CA ARG A 287 -13.85 14.98 0.43
C ARG A 287 -12.37 14.76 0.75
N SER A 288 -11.99 13.50 0.95
CA SER A 288 -10.58 13.13 1.21
C SER A 288 -9.64 13.54 0.07
N ILE A 289 -10.11 13.36 -1.17
CA ILE A 289 -9.38 13.80 -2.38
C ILE A 289 -9.38 15.34 -2.43
N GLN A 290 -10.55 15.93 -2.19
CA GLN A 290 -10.76 17.37 -2.23
C GLN A 290 -9.86 18.15 -1.26
N ARG A 291 -9.73 17.63 -0.05
CA ARG A 291 -8.86 18.24 0.97
C ARG A 291 -7.37 18.12 0.63
N LEU A 292 -6.98 16.98 0.05
CA LEU A 292 -5.62 16.79 -0.44
C LEU A 292 -5.29 17.79 -1.54
N LYS A 293 -6.20 17.96 -2.50
CA LYS A 293 -6.05 18.92 -3.57
C LYS A 293 -5.90 20.34 -3.02
N GLN A 294 -6.80 20.73 -2.11
CA GLN A 294 -6.79 22.04 -1.47
C GLN A 294 -5.44 22.32 -0.77
N ARG A 295 -4.94 21.33 -0.03
CA ARG A 295 -3.65 21.44 0.65
C ARG A 295 -2.46 21.51 -0.32
N ILE A 296 -2.53 20.76 -1.42
CA ILE A 296 -1.48 20.79 -2.45
C ILE A 296 -1.50 22.12 -3.22
N ARG A 297 -2.69 22.64 -3.46
CA ARG A 297 -2.87 23.93 -4.16
C ARG A 297 -2.24 25.09 -3.40
N GLN A 298 -2.39 25.10 -2.07
CA GLN A 298 -1.79 26.14 -1.22
C GLN A 298 -0.30 25.91 -0.94
N LEU A 299 0.12 24.64 -0.83
CA LEU A 299 1.53 24.30 -0.64
C LEU A 299 2.37 24.68 -1.85
N THR A 300 1.85 24.43 -3.04
CA THR A 300 2.44 24.92 -4.30
C THR A 300 2.16 26.43 -4.37
N ASN A 301 3.18 27.22 -4.61
CA ASN A 301 3.15 28.66 -4.29
C ASN A 301 2.42 29.50 -5.33
N PRO A 302 1.30 30.16 -4.93
CA PRO A 302 0.71 31.20 -5.78
C PRO A 302 1.34 32.59 -5.49
N ASN A 303 0.72 33.38 -4.60
CA ASN A 303 1.34 34.63 -4.13
C ASN A 303 2.26 34.40 -2.93
N TRP A 304 2.21 33.17 -2.41
CA TRP A 304 3.18 32.62 -1.44
C TRP A 304 4.57 32.51 -2.09
N SER A 305 5.62 32.53 -1.27
CA SER A 305 6.97 32.57 -1.82
C SER A 305 7.98 31.83 -0.95
N ILE A 306 8.33 30.63 -1.41
CA ILE A 306 9.24 29.70 -0.72
C ILE A 306 10.26 29.17 -1.74
N SER A 307 11.42 28.73 -1.26
CA SER A 307 12.44 28.04 -2.06
C SER A 307 11.93 26.73 -2.65
N MET A 308 12.48 26.35 -3.81
CA MET A 308 12.00 25.19 -4.57
C MET A 308 12.26 23.83 -3.90
N PRO A 309 13.52 23.55 -3.45
CA PRO A 309 13.74 22.29 -2.73
C PRO A 309 13.01 22.19 -1.38
N GLU A 310 12.75 23.33 -0.74
CA GLU A 310 11.96 23.40 0.49
C GLU A 310 10.50 22.97 0.27
N ARG A 311 9.94 23.39 -0.86
CA ARG A 311 8.59 23.00 -1.28
C ARG A 311 8.46 21.51 -1.59
N ILE A 312 9.53 20.93 -2.16
CA ILE A 312 9.60 19.48 -2.38
C ILE A 312 9.61 18.74 -1.03
N HIS A 313 10.34 19.30 -0.05
CA HIS A 313 10.38 18.76 1.31
C HIS A 313 9.04 18.92 2.04
N ARG A 314 8.40 20.08 1.86
CA ARG A 314 7.10 20.38 2.47
C ARG A 314 5.96 19.56 1.84
N VAL A 315 6.04 19.33 0.53
CA VAL A 315 5.06 18.47 -0.16
C VAL A 315 5.28 17.00 0.23
N ASN A 316 6.54 16.57 0.30
CA ASN A 316 6.90 15.24 0.79
C ASN A 316 6.32 15.04 2.17
N GLN A 317 6.54 16.04 3.03
CA GLN A 317 6.13 15.88 4.43
C GLN A 317 4.62 15.71 4.61
N TYR A 318 3.82 16.40 3.80
CA TYR A 318 2.37 16.21 3.80
C TYR A 318 1.92 14.90 3.14
N VAL A 319 2.38 14.69 1.90
CA VAL A 319 1.90 13.59 1.06
C VAL A 319 2.26 12.22 1.65
N MET A 320 3.49 12.09 2.15
CA MET A 320 3.98 10.85 2.80
C MET A 320 3.22 10.54 4.08
N GLY A 321 2.83 11.60 4.79
CA GLY A 321 1.99 11.51 5.97
C GLY A 321 0.57 11.15 5.59
N TRP A 322 0.06 11.79 4.54
CA TRP A 322 -1.30 11.57 4.05
C TRP A 322 -1.50 10.11 3.66
N ILE A 323 -0.64 9.58 2.78
CA ILE A 323 -0.71 8.19 2.31
C ILE A 323 -0.49 7.16 3.43
N GLY A 324 0.13 7.59 4.52
CA GLY A 324 0.27 6.78 5.75
C GLY A 324 -1.07 6.33 6.26
N TYR A 325 -2.04 7.24 6.27
CA TYR A 325 -3.41 6.92 6.64
C TYR A 325 -4.19 6.26 5.50
N PHE A 326 -4.18 6.89 4.33
CA PHE A 326 -5.01 6.46 3.21
C PHE A 326 -4.49 5.26 2.40
N ARG A 327 -3.40 4.64 2.87
CA ARG A 327 -2.86 3.38 2.31
C ARG A 327 -3.89 2.23 2.25
N LEU A 328 -4.90 2.31 3.13
CA LEU A 328 -5.95 1.30 3.22
C LEU A 328 -6.73 1.10 1.91
N VAL A 329 -6.79 2.15 1.08
CA VAL A 329 -7.51 2.07 -0.21
C VAL A 329 -6.91 1.00 -1.12
N GLU A 330 -7.78 0.36 -1.92
CA GLU A 330 -7.40 -0.72 -2.81
C GLU A 330 -7.57 -0.28 -4.27
N THR A 331 -7.29 0.99 -4.53
CA THR A 331 -7.41 1.58 -5.85
C THR A 331 -6.23 2.48 -6.21
N PRO A 332 -5.10 1.86 -6.64
CA PRO A 332 -3.90 2.63 -7.03
C PRO A 332 -4.06 3.54 -8.26
N SER A 333 -5.13 3.34 -9.03
CA SER A 333 -5.42 4.08 -10.25
C SER A 333 -5.59 5.58 -9.97
N VAL A 334 -6.41 5.91 -8.98
CA VAL A 334 -6.66 7.31 -8.57
C VAL A 334 -5.44 7.94 -7.90
N LEU A 335 -4.65 7.11 -7.23
CA LEU A 335 -3.40 7.55 -6.60
C LEU A 335 -2.35 7.90 -7.65
N GLN A 336 -2.33 7.15 -8.76
CA GLN A 336 -1.45 7.44 -9.89
C GLN A 336 -1.85 8.75 -10.58
N THR A 337 -3.16 9.01 -10.65
CA THR A 337 -3.70 10.20 -11.28
C THR A 337 -3.31 11.47 -10.52
N ILE A 338 -3.61 11.49 -9.23
CA ILE A 338 -3.33 12.67 -8.38
C ILE A 338 -1.83 12.88 -8.14
N GLU A 339 -1.03 11.83 -8.27
CA GLU A 339 0.43 11.95 -8.24
C GLU A 339 0.93 12.72 -9.46
N GLY A 340 0.41 12.39 -10.64
CA GLY A 340 0.67 13.14 -11.87
C GLY A 340 0.20 14.58 -11.78
N TRP A 341 -0.96 14.77 -11.16
CA TRP A 341 -1.53 16.09 -10.91
C TRP A 341 -0.64 16.95 -9.99
N ILE A 342 -0.07 16.32 -8.97
CA ILE A 342 0.90 16.95 -8.06
C ILE A 342 2.11 17.47 -8.85
N ARG A 343 2.62 16.65 -9.78
CA ARG A 343 3.75 17.04 -10.65
C ARG A 343 3.42 18.21 -11.58
N ARG A 344 2.20 18.21 -12.14
CA ARG A 344 1.71 19.31 -12.99
C ARG A 344 1.60 20.61 -12.19
N ARG A 345 1.15 20.50 -10.94
CA ARG A 345 1.11 21.63 -10.00
C ARG A 345 2.53 22.07 -9.63
N LEU A 346 3.44 21.11 -9.47
CA LEU A 346 4.84 21.40 -9.14
C LEU A 346 5.65 21.94 -10.33
N ARG A 347 5.14 21.76 -11.55
CA ARG A 347 5.71 22.38 -12.75
C ARG A 347 5.28 23.84 -12.92
N LEU A 348 4.10 24.17 -12.39
CA LEU A 348 3.58 25.56 -12.42
C LEU A 348 4.51 26.53 -11.69
N CYS A 349 4.99 26.12 -10.51
CA CYS A 349 5.97 26.90 -9.76
C CYS A 349 7.34 26.95 -10.44
N GLN A 350 7.79 25.82 -10.96
CA GLN A 350 9.06 25.73 -11.70
C GLN A 350 9.07 26.59 -12.97
N TRP A 351 7.92 26.64 -13.65
CA TRP A 351 7.76 27.44 -14.87
C TRP A 351 7.75 28.94 -14.59
N LEU A 352 6.99 29.34 -13.55
CA LEU A 352 6.90 30.74 -13.12
C LEU A 352 8.18 31.27 -12.47
N GLN A 353 9.05 30.36 -12.01
CA GLN A 353 10.39 30.70 -11.52
C GLN A 353 11.29 31.25 -12.64
N TRP A 354 11.05 30.80 -13.87
CA TRP A 354 11.74 31.30 -15.06
C TRP A 354 10.76 32.15 -15.88
N LYS A 355 10.67 33.43 -15.54
CA LYS A 355 9.71 34.35 -16.16
C LYS A 355 10.12 34.77 -17.59
N ARG A 356 11.35 35.27 -17.73
CA ARG A 356 11.89 35.69 -19.03
C ARG A 356 12.23 34.47 -19.90
N VAL A 357 12.16 34.65 -21.22
CA VAL A 357 12.42 33.56 -22.18
C VAL A 357 13.87 33.07 -22.19
N ARG A 358 14.81 33.99 -21.96
CA ARG A 358 16.25 33.69 -21.89
C ARG A 358 16.59 32.69 -20.77
N THR A 359 15.96 32.86 -19.62
CA THR A 359 16.10 31.92 -18.50
C THR A 359 15.42 30.58 -18.81
N ARG A 360 14.28 30.62 -19.51
CA ARG A 360 13.58 29.41 -19.95
C ARG A 360 14.43 28.61 -20.96
N ILE A 361 15.05 29.32 -21.91
CA ILE A 361 15.97 28.73 -22.89
C ILE A 361 17.22 28.17 -22.19
N ARG A 362 17.75 28.92 -21.22
CA ARG A 362 18.91 28.51 -20.43
C ARG A 362 18.66 27.22 -19.63
N GLU A 363 17.54 27.17 -18.94
CA GLU A 363 17.22 26.05 -18.04
C GLU A 363 16.82 24.78 -18.77
N LEU A 364 15.98 24.91 -19.81
CA LEU A 364 15.56 23.78 -20.63
C LEU A 364 16.72 23.11 -21.39
N ARG A 365 17.61 23.93 -21.94
CA ARG A 365 18.83 23.44 -22.63
C ARG A 365 19.77 22.70 -21.68
N ALA A 366 19.90 23.23 -20.46
CA ALA A 366 20.70 22.60 -19.40
C ALA A 366 20.10 21.27 -18.92
N LEU A 367 18.76 21.20 -18.89
CA LEU A 367 18.02 19.99 -18.50
C LEU A 367 18.16 18.83 -19.49
N GLY A 368 18.51 19.14 -20.74
CA GLY A 368 18.75 18.12 -21.76
C GLY A 368 17.67 18.00 -22.82
N LEU A 369 16.73 18.94 -22.83
CA LEU A 369 15.68 19.01 -23.84
C LEU A 369 16.29 19.45 -25.17
N LYS A 370 15.84 18.84 -26.26
CA LYS A 370 16.39 19.09 -27.59
C LYS A 370 16.07 20.52 -28.06
N GLU A 371 16.99 21.11 -28.84
CA GLU A 371 16.96 22.53 -29.21
C GLU A 371 15.70 22.98 -29.96
N THR A 372 15.14 22.07 -30.77
CA THR A 372 13.88 22.31 -31.49
C THR A 372 12.70 22.47 -30.54
N ALA A 373 12.68 21.62 -29.49
CA ALA A 373 11.62 21.62 -28.49
C ALA A 373 11.71 22.82 -27.53
N VAL A 374 12.92 23.29 -27.27
CA VAL A 374 13.16 24.46 -26.39
C VAL A 374 12.54 25.72 -26.99
N MET A 375 12.88 26.00 -28.25
CA MET A 375 12.42 27.19 -28.98
C MET A 375 10.92 27.19 -29.27
N GLU A 376 10.36 25.99 -29.41
CA GLU A 376 8.93 25.80 -29.68
C GLU A 376 8.05 26.22 -28.49
N ILE A 377 8.56 26.01 -27.28
CA ILE A 377 7.78 26.25 -26.04
C ILE A 377 8.19 27.49 -25.25
N ALA A 378 9.46 27.86 -25.31
CA ALA A 378 10.01 28.93 -24.47
C ALA A 378 9.32 30.28 -24.63
N ASN A 379 8.93 30.61 -25.86
CA ASN A 379 8.29 31.91 -26.14
C ASN A 379 6.82 31.77 -26.58
N THR A 380 6.07 30.96 -25.82
CA THR A 380 4.68 30.67 -26.14
C THR A 380 3.69 31.68 -25.52
N ARG A 381 2.61 31.94 -26.25
CA ARG A 381 1.49 32.73 -25.73
C ARG A 381 0.59 31.92 -24.78
N LYS A 382 0.68 30.59 -24.88
CA LYS A 382 -0.03 29.66 -23.97
C LYS A 382 0.23 29.99 -22.51
N GLY A 383 -0.84 29.92 -21.71
CA GLY A 383 -0.79 30.20 -20.28
C GLY A 383 0.06 29.21 -19.51
N ALA A 384 0.33 29.55 -18.26
CA ALA A 384 1.14 28.74 -17.36
C ALA A 384 0.57 27.32 -17.14
N TRP A 385 -0.74 27.25 -16.87
CA TRP A 385 -1.42 25.97 -16.65
C TRP A 385 -1.60 25.17 -17.95
N ARG A 386 -1.65 25.88 -19.08
CA ARG A 386 -1.67 25.24 -20.39
C ARG A 386 -0.31 24.60 -20.70
N THR A 387 0.77 25.34 -20.47
CA THR A 387 2.14 24.88 -20.75
C THR A 387 2.60 23.74 -19.84
N THR A 388 1.97 23.59 -18.68
CA THR A 388 2.31 22.51 -17.75
C THR A 388 1.93 21.12 -18.26
N LYS A 389 0.93 21.06 -19.14
CA LYS A 389 0.50 19.79 -19.76
C LYS A 389 0.91 19.63 -21.24
N THR A 390 1.98 20.32 -21.65
CA THR A 390 2.52 20.19 -23.02
C THR A 390 3.56 19.06 -23.12
N PRO A 391 3.77 18.49 -24.34
CA PRO A 391 4.78 17.44 -24.53
C PRO A 391 6.22 17.85 -24.15
N GLN A 392 6.53 19.14 -24.29
CA GLN A 392 7.86 19.68 -23.99
C GLN A 392 8.19 19.67 -22.49
N LEU A 393 7.23 20.10 -21.67
CA LEU A 393 7.44 20.24 -20.23
C LEU A 393 7.31 18.89 -19.49
N HIS A 394 6.56 17.95 -20.06
CA HIS A 394 6.57 16.55 -19.60
C HIS A 394 7.95 15.91 -19.79
N GLN A 395 8.59 16.22 -20.93
CA GLN A 395 9.90 15.68 -21.26
C GLN A 395 11.00 16.26 -20.36
N ALA A 396 11.05 17.58 -20.30
CA ALA A 396 12.04 18.32 -19.52
C ALA A 396 11.87 18.13 -18.02
N LEU A 397 10.62 18.17 -17.56
CA LEU A 397 10.34 18.08 -16.13
C LEU A 397 9.37 16.93 -15.87
N GLY A 398 9.83 15.71 -16.19
CA GLY A 398 9.02 14.51 -16.00
C GLY A 398 9.17 13.97 -14.58
N LYS A 399 8.64 12.77 -14.36
CA LYS A 399 8.76 12.07 -13.09
C LYS A 399 10.23 11.78 -12.75
N THR A 400 11.03 11.50 -13.79
CA THR A 400 12.46 11.26 -13.65
C THR A 400 13.17 12.45 -12.99
N TYR A 401 12.82 13.66 -13.43
CA TYR A 401 13.37 14.91 -12.91
C TYR A 401 13.02 15.11 -11.43
N TRP A 402 11.73 15.01 -11.13
CA TRP A 402 11.22 15.25 -9.78
C TRP A 402 11.70 14.22 -8.77
N THR A 403 11.83 12.95 -9.19
CA THR A 403 12.43 11.90 -8.37
C THR A 403 13.91 12.19 -8.08
N ALA A 404 14.65 12.57 -9.12
CA ALA A 404 16.08 12.92 -9.01
C ALA A 404 16.33 14.22 -8.25
N GLN A 405 15.30 15.07 -8.17
CA GLN A 405 15.35 16.32 -7.38
C GLN A 405 14.58 16.21 -6.04
N GLY A 406 14.44 15.00 -5.52
CA GLY A 406 13.97 14.79 -4.14
C GLY A 406 12.51 14.48 -3.87
N LEU A 407 11.65 14.59 -4.88
CA LEU A 407 10.20 14.32 -4.70
C LEU A 407 9.91 12.84 -4.50
N LYS A 408 9.15 12.53 -3.45
CA LYS A 408 8.79 11.16 -3.11
C LYS A 408 7.55 10.73 -3.89
N SER A 409 7.64 9.55 -4.51
CA SER A 409 6.53 9.00 -5.28
C SER A 409 5.45 8.51 -4.34
N LEU A 410 4.23 9.00 -4.55
CA LEU A 410 3.07 8.65 -3.75
C LEU A 410 2.73 7.17 -3.88
N THR A 411 2.58 6.70 -5.12
CA THR A 411 2.19 5.32 -5.39
C THR A 411 3.27 4.30 -5.03
N GLN A 412 4.53 4.71 -5.04
CA GLN A 412 5.64 3.85 -4.62
C GLN A 412 5.51 3.50 -3.15
N ARG A 413 5.37 4.53 -2.31
CA ARG A 413 5.21 4.36 -0.87
C ARG A 413 3.90 3.70 -0.50
N TYR A 414 2.86 3.88 -1.33
CA TYR A 414 1.61 3.15 -1.20
C TYR A 414 1.86 1.63 -1.29
N PHE A 415 2.67 1.20 -2.25
CA PHE A 415 3.05 -0.20 -2.42
C PHE A 415 4.02 -0.69 -1.34
N GLU A 416 4.98 0.18 -0.97
CA GLU A 416 5.98 -0.14 0.06
C GLU A 416 5.41 -0.24 1.48
N LEU A 417 4.20 0.30 1.69
CA LEU A 417 3.48 0.16 2.94
C LEU A 417 2.48 -1.02 2.93
N ARG A 418 2.72 -2.00 2.06
CA ARG A 418 1.83 -3.15 1.89
C ARG A 418 2.57 -4.48 1.71
N ALA D 2 8.65 -10.46 -49.30
CA ALA D 2 9.75 -10.32 -48.30
C ALA D 2 9.22 -10.41 -46.86
N LEU D 3 9.86 -9.70 -45.92
CA LEU D 3 9.60 -9.89 -44.50
C LEU D 3 8.24 -9.40 -44.01
N LEU D 4 7.89 -8.15 -44.32
CA LEU D 4 6.61 -7.58 -43.91
C LEU D 4 5.40 -8.29 -44.55
N GLU D 5 5.62 -8.94 -45.69
CA GLU D 5 4.63 -9.85 -46.28
C GLU D 5 4.50 -11.11 -45.43
N ARG D 6 5.65 -11.67 -45.03
CA ARG D 6 5.69 -12.85 -44.16
C ARG D 6 5.13 -12.59 -42.76
N ILE D 7 5.26 -11.34 -42.28
CA ILE D 7 4.68 -10.91 -41.00
C ILE D 7 3.15 -10.87 -41.08
N LEU D 8 2.63 -10.35 -42.21
CA LEU D 8 1.19 -10.14 -42.39
C LEU D 8 0.44 -11.29 -43.05
N ALA D 9 1.10 -12.45 -43.16
CA ALA D 9 0.46 -13.69 -43.61
C ALA D 9 -0.68 -14.07 -42.66
N ARG D 10 -1.79 -14.55 -43.24
CA ARG D 10 -3.00 -14.91 -42.49
C ARG D 10 -2.71 -15.89 -41.34
N ASP D 11 -1.86 -16.88 -41.61
CA ASP D 11 -1.46 -17.89 -40.64
C ASP D 11 -0.73 -17.28 -39.44
N ASN D 12 0.14 -16.30 -39.72
CA ASN D 12 0.89 -15.60 -38.68
C ASN D 12 -0.01 -14.70 -37.84
N LEU D 13 -0.96 -14.03 -38.47
CA LEU D 13 -1.88 -13.12 -37.80
C LEU D 13 -2.91 -13.83 -36.92
N ILE D 14 -3.32 -15.04 -37.31
CA ILE D 14 -4.23 -15.87 -36.50
C ILE D 14 -3.52 -16.39 -35.25
N THR D 15 -2.26 -16.81 -35.40
CA THR D 15 -1.44 -17.24 -34.24
C THR D 15 -1.16 -16.06 -33.30
N ALA D 16 -0.96 -14.88 -33.87
CA ALA D 16 -0.81 -13.64 -33.10
C ALA D 16 -2.12 -13.22 -32.41
N LEU D 17 -3.23 -13.43 -33.10
CA LEU D 17 -4.56 -13.14 -32.57
C LEU D 17 -4.87 -13.99 -31.35
N LYS D 18 -4.70 -15.31 -31.51
CA LYS D 18 -5.01 -16.27 -30.45
C LYS D 18 -4.13 -16.09 -29.20
N ARG D 19 -2.93 -15.54 -29.39
CA ARG D 19 -2.06 -15.18 -28.26
C ARG D 19 -2.63 -14.00 -27.48
N VAL D 20 -2.99 -12.93 -28.19
CA VAL D 20 -3.54 -11.72 -27.56
C VAL D 20 -4.84 -12.04 -26.81
N GLU D 21 -5.66 -12.87 -27.43
CA GLU D 21 -6.91 -13.34 -26.83
C GLU D 21 -6.70 -14.29 -25.66
N ALA D 22 -5.66 -15.12 -25.73
CA ALA D 22 -5.32 -16.05 -24.64
C ALA D 22 -4.83 -15.33 -23.38
N ASN D 23 -4.06 -14.26 -23.58
CA ASN D 23 -3.50 -13.44 -22.49
C ASN D 23 -4.57 -12.74 -21.67
N GLN D 24 -5.65 -12.32 -22.35
CA GLN D 24 -6.74 -11.54 -21.75
C GLN D 24 -6.21 -10.30 -21.02
N GLY D 25 -5.32 -9.58 -21.69
CA GLY D 25 -4.81 -8.33 -21.15
C GLY D 25 -5.88 -7.24 -21.14
N ALA D 26 -5.80 -6.38 -20.13
CA ALA D 26 -6.64 -5.19 -20.03
C ALA D 26 -6.47 -4.31 -21.27
N PRO D 27 -7.52 -3.54 -21.64
CA PRO D 27 -7.44 -2.73 -22.87
C PRO D 27 -6.32 -1.69 -22.88
N GLY D 28 -5.89 -1.30 -24.08
CA GLY D 28 -4.99 -0.17 -24.25
C GLY D 28 -5.72 1.15 -24.06
N ILE D 29 -5.20 2.20 -24.67
CA ILE D 29 -5.71 3.57 -24.46
C ILE D 29 -7.14 3.80 -24.98
N ASP D 30 -7.49 3.09 -26.04
CA ASP D 30 -8.78 3.27 -26.70
C ASP D 30 -9.90 2.37 -26.18
N GLY D 31 -9.62 1.64 -25.09
CA GLY D 31 -10.66 0.92 -24.35
C GLY D 31 -11.24 -0.37 -24.91
N VAL D 32 -10.76 -0.80 -26.09
CA VAL D 32 -11.21 -2.06 -26.69
C VAL D 32 -10.46 -3.25 -26.06
N SER D 33 -11.21 -4.17 -25.48
CA SER D 33 -10.64 -5.34 -24.80
C SER D 33 -10.29 -6.44 -25.81
N THR D 34 -9.66 -7.51 -25.33
CA THR D 34 -9.35 -8.68 -26.16
C THR D 34 -10.63 -9.42 -26.55
N ASP D 35 -11.66 -9.25 -25.72
CA ASP D 35 -12.98 -9.88 -25.92
C ASP D 35 -13.66 -9.43 -27.21
N GLN D 36 -13.34 -8.23 -27.70
CA GLN D 36 -13.80 -7.76 -29.02
C GLN D 36 -12.65 -7.34 -29.93
N LEU D 37 -11.57 -8.13 -29.94
CA LEU D 37 -10.46 -7.88 -30.87
C LEU D 37 -10.81 -8.29 -32.31
N ARG D 38 -11.43 -9.47 -32.47
CA ARG D 38 -11.89 -9.97 -33.77
C ARG D 38 -12.83 -9.00 -34.46
N ASP D 39 -13.86 -8.55 -33.75
CA ASP D 39 -14.83 -7.60 -34.29
C ASP D 39 -14.23 -6.22 -34.60
N TYR D 40 -13.17 -5.86 -33.88
CA TYR D 40 -12.43 -4.64 -34.18
C TYR D 40 -11.68 -4.76 -35.51
N ILE D 41 -10.88 -5.82 -35.66
CA ILE D 41 -10.10 -6.06 -36.89
C ILE D 41 -10.97 -6.34 -38.12
N ARG D 42 -12.10 -7.05 -37.94
CA ARG D 42 -13.08 -7.23 -39.02
C ARG D 42 -13.62 -5.91 -39.57
N ALA D 43 -13.77 -4.92 -38.69
CA ALA D 43 -14.26 -3.59 -39.06
C ALA D 43 -13.18 -2.68 -39.68
N HIS D 44 -11.93 -2.82 -39.25
CA HIS D 44 -10.87 -1.88 -39.60
C HIS D 44 -9.60 -2.43 -40.29
N TRP D 45 -9.57 -3.74 -40.59
CA TRP D 45 -8.37 -4.35 -41.20
C TRP D 45 -8.01 -3.76 -42.55
N SER D 46 -9.01 -3.51 -43.39
CA SER D 46 -8.83 -2.86 -44.70
C SER D 46 -7.99 -1.58 -44.59
N THR D 47 -8.30 -0.76 -43.58
CA THR D 47 -7.55 0.46 -43.28
C THR D 47 -6.16 0.16 -42.68
N ILE D 48 -6.12 -0.74 -41.70
CA ILE D 48 -4.87 -1.06 -40.98
C ILE D 48 -3.85 -1.74 -41.91
N HIS D 49 -4.28 -2.83 -42.55
CA HIS D 49 -3.47 -3.64 -43.47
C HIS D 49 -2.71 -2.80 -44.49
N ALA D 50 -3.44 -1.89 -45.13
CA ALA D 50 -2.90 -1.00 -46.15
C ALA D 50 -1.93 0.01 -45.55
N GLN D 51 -2.37 0.68 -44.49
CA GLN D 51 -1.62 1.79 -43.88
C GLN D 51 -0.23 1.41 -43.40
N LEU D 52 -0.10 0.20 -42.84
CA LEU D 52 1.18 -0.25 -42.26
C LEU D 52 2.22 -0.73 -43.27
N LEU D 53 1.78 -1.43 -44.31
CA LEU D 53 2.70 -1.87 -45.38
C LEU D 53 3.16 -0.74 -46.30
N ALA D 54 2.42 0.38 -46.29
CA ALA D 54 2.83 1.61 -46.98
C ALA D 54 3.99 2.30 -46.27
N GLY D 55 4.02 2.20 -44.94
CA GLY D 55 5.02 2.86 -44.11
C GLY D 55 4.49 4.06 -43.35
N THR D 56 3.21 4.37 -43.58
CA THR D 56 2.55 5.56 -42.98
C THR D 56 2.03 5.34 -41.57
N TYR D 57 1.61 4.11 -41.26
CA TYR D 57 0.98 3.76 -39.98
C TYR D 57 1.84 4.08 -38.76
N ARG D 58 1.44 5.12 -38.02
CA ARG D 58 1.97 5.39 -36.70
C ARG D 58 1.01 4.80 -35.67
N PRO D 59 1.50 3.86 -34.82
CA PRO D 59 0.59 3.15 -33.92
C PRO D 59 0.07 4.01 -32.77
N ALA D 60 -0.97 3.51 -32.09
CA ALA D 60 -1.61 4.22 -31.00
C ALA D 60 -0.67 4.34 -29.80
N PRO D 61 -0.76 5.46 -29.04
CA PRO D 61 0.12 5.63 -27.88
C PRO D 61 -0.25 4.69 -26.73
N VAL D 62 0.75 4.25 -25.97
CA VAL D 62 0.55 3.30 -24.86
C VAL D 62 -0.04 3.96 -23.60
N ARG D 63 -0.63 3.14 -22.74
CA ARG D 63 -1.26 3.57 -21.49
C ARG D 63 -0.33 3.38 -20.28
N ARG D 64 -0.15 4.44 -19.50
CA ARG D 64 0.78 4.42 -18.35
C ARG D 64 0.09 3.82 -17.14
N VAL D 65 0.66 2.73 -16.61
CA VAL D 65 0.13 2.07 -15.41
C VAL D 65 1.28 1.76 -14.44
N GLU D 66 1.23 2.39 -13.27
CA GLU D 66 2.19 2.18 -12.19
C GLU D 66 1.88 0.87 -11.47
N ILE D 67 2.88 -0.02 -11.40
CA ILE D 67 2.75 -1.30 -10.66
C ILE D 67 4.00 -1.52 -9.81
N PRO D 68 3.88 -2.25 -8.68
CA PRO D 68 5.05 -2.49 -7.81
C PRO D 68 6.00 -3.53 -8.37
N LYS D 69 7.31 -3.30 -8.21
CA LYS D 69 8.32 -4.28 -8.59
C LYS D 69 8.85 -5.03 -7.36
N PRO D 70 9.30 -6.30 -7.53
CA PRO D 70 9.83 -7.13 -6.41
C PRO D 70 10.96 -6.51 -5.59
N GLY D 71 11.76 -5.64 -6.22
CA GLY D 71 12.85 -4.91 -5.56
C GLY D 71 12.41 -3.93 -4.48
N GLY D 72 11.34 -3.20 -4.77
CA GLY D 72 10.79 -2.20 -3.85
C GLY D 72 10.02 -1.07 -4.51
N GLY D 73 10.62 -0.49 -5.56
CA GLY D 73 10.08 0.68 -6.23
C GLY D 73 8.85 0.46 -7.08
N THR D 74 8.66 1.36 -8.05
CA THR D 74 7.50 1.33 -8.93
C THR D 74 7.94 1.18 -10.38
N ARG D 75 7.13 0.44 -11.15
CA ARG D 75 7.38 0.14 -12.55
C ARG D 75 6.32 0.81 -13.44
N GLN D 76 6.78 1.67 -14.35
CA GLN D 76 5.89 2.26 -15.37
C GLN D 76 5.62 1.24 -16.49
N LEU D 77 4.39 0.71 -16.53
CA LEU D 77 3.95 -0.09 -17.67
C LEU D 77 3.59 0.81 -18.85
N GLY D 78 3.63 0.23 -20.04
CA GLY D 78 3.18 0.88 -21.26
C GLY D 78 2.34 -0.09 -22.06
N ILE D 79 1.03 -0.01 -21.90
CA ILE D 79 0.08 -0.95 -22.49
C ILE D 79 -0.34 -0.47 -23.88
N PRO D 80 0.05 -1.18 -24.95
CA PRO D 80 -0.46 -0.79 -26.27
C PRO D 80 -1.91 -1.22 -26.46
N THR D 81 -2.56 -0.69 -27.50
CA THR D 81 -3.92 -1.12 -27.89
C THR D 81 -3.85 -2.59 -28.36
N VAL D 82 -4.94 -3.33 -28.15
CA VAL D 82 -5.01 -4.75 -28.55
C VAL D 82 -4.49 -5.04 -29.97
N VAL D 83 -4.78 -4.14 -30.91
CA VAL D 83 -4.32 -4.23 -32.30
C VAL D 83 -2.81 -3.98 -32.41
N ASP D 84 -2.29 -3.06 -31.60
CA ASP D 84 -0.85 -2.82 -31.52
C ASP D 84 -0.12 -3.97 -30.83
N ARG D 85 -0.79 -4.63 -29.87
CA ARG D 85 -0.30 -5.88 -29.30
C ARG D 85 -0.32 -7.00 -30.33
N LEU D 86 -1.40 -7.06 -31.13
CA LEU D 86 -1.54 -8.02 -32.22
C LEU D 86 -0.44 -7.89 -33.27
N ILE D 87 -0.18 -6.65 -33.69
CA ILE D 87 0.85 -6.34 -34.69
C ILE D 87 2.26 -6.63 -34.15
N GLN D 88 2.55 -6.18 -32.93
CA GLN D 88 3.84 -6.44 -32.28
C GLN D 88 4.12 -7.94 -32.12
N GLN D 89 3.09 -8.71 -31.81
CA GLN D 89 3.17 -10.17 -31.72
C GLN D 89 3.55 -10.78 -33.08
N ALA D 90 2.88 -10.34 -34.14
CA ALA D 90 3.17 -10.79 -35.52
C ALA D 90 4.61 -10.50 -35.93
N ILE D 91 5.15 -9.37 -35.50
CA ILE D 91 6.56 -9.00 -35.76
C ILE D 91 7.48 -9.94 -34.98
N LEU D 92 7.21 -10.07 -33.68
CA LEU D 92 7.96 -10.97 -32.78
C LEU D 92 8.03 -12.41 -33.29
N GLN D 93 6.90 -12.91 -33.81
CA GLN D 93 6.81 -14.29 -34.31
C GLN D 93 7.74 -14.56 -35.50
N GLU D 94 7.92 -13.55 -36.35
CA GLU D 94 8.80 -13.66 -37.51
C GLU D 94 10.24 -13.25 -37.25
N LEU D 95 10.44 -12.25 -36.38
CA LEU D 95 11.78 -11.81 -36.02
C LEU D 95 12.55 -12.80 -35.15
N THR D 96 11.84 -13.60 -34.35
CA THR D 96 12.45 -14.61 -33.47
C THR D 96 13.46 -15.53 -34.19
N PRO D 97 13.04 -16.28 -35.24
CA PRO D 97 14.00 -17.15 -35.95
C PRO D 97 15.15 -16.43 -36.70
N ILE D 98 15.01 -15.14 -36.96
CA ILE D 98 16.09 -14.32 -37.54
C ILE D 98 17.20 -14.10 -36.52
N PHE D 99 16.82 -13.71 -35.30
CA PHE D 99 17.78 -13.33 -34.25
C PHE D 99 18.15 -14.43 -33.27
N ASP D 100 17.15 -15.21 -32.83
CA ASP D 100 17.31 -16.14 -31.69
C ASP D 100 18.38 -17.22 -31.83
N PRO D 101 18.57 -17.81 -33.04
CA PRO D 101 19.65 -18.81 -33.17
C PRO D 101 21.05 -18.26 -32.98
N ASP D 102 21.24 -16.97 -33.26
CA ASP D 102 22.54 -16.30 -33.18
C ASP D 102 22.77 -15.56 -31.85
N PHE D 103 21.84 -15.70 -30.90
CA PHE D 103 22.07 -15.22 -29.52
C PHE D 103 23.04 -16.15 -28.80
N SER D 104 23.62 -15.66 -27.71
CA SER D 104 24.67 -16.37 -26.96
C SER D 104 24.16 -17.64 -26.28
N SER D 105 25.08 -18.59 -26.14
CA SER D 105 24.86 -19.83 -25.40
C SER D 105 24.46 -19.56 -23.94
N SER D 106 25.06 -18.51 -23.36
CA SER D 106 24.85 -18.13 -21.97
C SER D 106 23.73 -17.09 -21.76
N SER D 107 22.94 -16.84 -22.78
CA SER D 107 21.78 -15.94 -22.69
C SER D 107 20.52 -16.78 -22.52
N PHE D 108 19.81 -16.58 -21.40
CA PHE D 108 18.67 -17.42 -21.01
C PHE D 108 17.33 -16.69 -20.82
N GLY D 109 17.35 -15.35 -20.91
CA GLY D 109 16.16 -14.54 -20.64
C GLY D 109 15.35 -14.21 -21.88
N PHE D 110 14.03 -14.41 -21.78
CA PHE D 110 13.03 -14.11 -22.85
C PHE D 110 13.05 -15.03 -24.08
N ARG D 111 13.83 -16.11 -24.03
CA ARG D 111 14.07 -16.94 -25.21
C ARG D 111 13.30 -18.27 -25.19
N PRO D 112 12.88 -18.77 -26.37
CA PRO D 112 12.16 -20.06 -26.41
C PRO D 112 13.09 -21.25 -26.13
N GLY D 113 12.56 -22.27 -25.45
CA GLY D 113 13.31 -23.47 -25.09
C GLY D 113 14.41 -23.27 -24.05
N ARG D 114 14.33 -22.15 -23.33
CA ARG D 114 15.30 -21.76 -22.32
C ARG D 114 14.58 -21.11 -21.13
N ASN D 115 15.10 -21.32 -19.92
CA ASN D 115 14.48 -20.82 -18.70
C ASN D 115 15.51 -20.44 -17.64
N ALA D 116 15.02 -19.98 -16.48
CA ALA D 116 15.87 -19.58 -15.36
C ALA D 116 16.70 -20.71 -14.78
N HIS D 117 16.13 -21.92 -14.81
CA HIS D 117 16.82 -23.14 -14.35
C HIS D 117 18.13 -23.39 -15.11
N ASP D 118 18.11 -23.17 -16.42
CA ASP D 118 19.29 -23.31 -17.29
C ASP D 118 20.38 -22.30 -16.92
N ALA D 119 19.97 -21.08 -16.58
CA ALA D 119 20.88 -20.02 -16.14
C ALA D 119 21.51 -20.30 -14.77
N VAL D 120 20.73 -20.88 -13.85
CA VAL D 120 21.20 -21.19 -12.50
C VAL D 120 22.12 -22.42 -12.50
N ARG D 121 21.76 -23.44 -13.27
CA ARG D 121 22.58 -24.66 -13.39
C ARG D 121 23.96 -24.38 -13.97
N GLN D 122 24.03 -23.50 -14.97
CA GLN D 122 25.31 -23.07 -15.55
C GLN D 122 26.11 -22.22 -14.56
N ALA D 123 25.42 -21.31 -13.87
CA ALA D 123 26.01 -20.49 -12.80
C ALA D 123 26.59 -21.34 -11.68
N GLN D 124 25.87 -22.41 -11.31
CA GLN D 124 26.35 -23.40 -10.34
C GLN D 124 27.58 -24.14 -10.86
N GLY D 125 27.55 -24.51 -12.15
CA GLY D 125 28.66 -25.19 -12.81
C GLY D 125 30.01 -24.51 -12.66
N TYR D 126 30.01 -23.17 -12.72
CA TYR D 126 31.24 -22.39 -12.62
C TYR D 126 31.79 -22.37 -11.20
N ILE D 127 30.95 -22.06 -10.22
CA ILE D 127 31.35 -22.09 -8.80
C ILE D 127 31.72 -23.51 -8.32
N GLN D 128 31.06 -24.52 -8.88
CA GLN D 128 31.37 -25.92 -8.61
C GLN D 128 32.76 -26.32 -9.11
N GLU D 129 33.16 -25.78 -10.26
CA GLU D 129 34.48 -26.05 -10.85
C GLU D 129 35.62 -25.33 -10.14
N GLY D 130 35.32 -24.17 -9.53
CA GLY D 130 36.33 -23.40 -8.79
C GLY D 130 36.26 -21.88 -8.88
N TYR D 131 35.36 -21.37 -9.72
CA TYR D 131 35.16 -19.92 -9.89
C TYR D 131 34.19 -19.40 -8.83
N ARG D 132 34.67 -19.28 -7.60
CA ARG D 132 33.81 -19.11 -6.40
C ARG D 132 33.51 -17.67 -5.95
N TYR D 133 33.50 -16.73 -6.90
CA TYR D 133 33.11 -15.33 -6.63
C TYR D 133 32.33 -14.76 -7.80
N VAL D 134 31.15 -14.21 -7.50
CA VAL D 134 30.24 -13.65 -8.51
C VAL D 134 30.41 -12.13 -8.67
N VAL D 135 30.19 -11.65 -9.88
CA VAL D 135 30.13 -10.22 -10.17
C VAL D 135 28.68 -9.92 -10.56
N ASP D 136 27.84 -9.80 -9.53
CA ASP D 136 26.40 -9.59 -9.72
C ASP D 136 26.10 -8.20 -10.26
N MET D 137 25.15 -8.12 -11.19
CA MET D 137 24.84 -6.87 -11.88
C MET D 137 23.38 -6.82 -12.33
N ASP D 138 22.86 -5.59 -12.42
CA ASP D 138 21.51 -5.31 -12.89
C ASP D 138 21.42 -3.85 -13.32
N LEU D 139 20.60 -3.58 -14.34
CA LEU D 139 20.50 -2.24 -14.92
C LEU D 139 19.29 -1.47 -14.38
N GLU D 140 19.45 -0.16 -14.24
CA GLU D 140 18.43 0.75 -13.72
C GLU D 140 17.44 1.08 -14.83
N LYS D 141 16.15 0.82 -14.57
CA LYS D 141 15.06 1.15 -15.48
C LYS D 141 15.37 0.71 -16.93
N PHE D 142 15.75 -0.58 -17.07
CA PHE D 142 16.39 -1.09 -18.27
C PHE D 142 15.64 -0.80 -19.59
N PHE D 143 14.34 -1.13 -19.62
CA PHE D 143 13.51 -0.92 -20.80
C PHE D 143 13.30 0.57 -21.08
N ASP D 144 13.24 1.38 -20.02
CA ASP D 144 13.01 2.84 -20.15
C ASP D 144 14.21 3.60 -20.72
N ARG D 145 15.41 3.09 -20.47
CA ARG D 145 16.66 3.77 -20.85
C ARG D 145 17.32 3.21 -22.13
N VAL D 146 16.56 2.47 -22.93
CA VAL D 146 17.06 1.92 -24.20
C VAL D 146 17.09 3.04 -25.25
N ASN D 147 18.28 3.33 -25.76
CA ASN D 147 18.44 4.33 -26.81
C ASN D 147 17.95 3.79 -28.14
N HIS D 148 17.10 4.56 -28.83
CA HIS D 148 16.47 4.11 -30.08
C HIS D 148 17.46 3.89 -31.22
N ASP D 149 18.48 4.74 -31.30
CA ASP D 149 19.47 4.63 -32.38
C ASP D 149 20.36 3.38 -32.25
N ILE D 150 20.80 3.08 -31.03
CA ILE D 150 21.66 1.91 -30.76
C ILE D 150 20.88 0.60 -30.93
N LEU D 151 19.59 0.61 -30.57
CA LEU D 151 18.72 -0.55 -30.76
C LEU D 151 18.49 -0.85 -32.23
N MET D 152 17.99 0.15 -32.97
CA MET D 152 17.68 0.02 -34.40
C MET D 152 18.88 -0.32 -35.26
N SER D 153 20.06 0.14 -34.85
CA SER D 153 21.32 -0.23 -35.51
C SER D 153 21.57 -1.73 -35.38
N ARG D 154 21.39 -2.27 -34.18
CA ARG D 154 21.55 -3.70 -33.92
C ARG D 154 20.46 -4.56 -34.56
N VAL D 155 19.26 -3.99 -34.70
CA VAL D 155 18.16 -4.60 -35.47
C VAL D 155 18.51 -4.60 -36.96
N ALA D 156 19.03 -3.48 -37.45
CA ALA D 156 19.40 -3.31 -38.88
C ALA D 156 20.48 -4.27 -39.39
N ARG D 157 21.26 -4.87 -38.48
CA ARG D 157 22.31 -5.84 -38.84
C ARG D 157 21.75 -7.08 -39.53
N LYS D 158 20.69 -7.64 -38.96
CA LYS D 158 20.09 -8.90 -39.47
C LYS D 158 18.86 -8.69 -40.35
N VAL D 159 18.13 -7.60 -40.12
CA VAL D 159 16.95 -7.28 -40.92
C VAL D 159 17.15 -6.01 -41.77
N LYS D 160 17.24 -6.23 -43.08
CA LYS D 160 17.55 -5.17 -44.04
C LYS D 160 16.30 -4.51 -44.64
N ASP D 161 15.13 -5.08 -44.35
CA ASP D 161 13.84 -4.53 -44.82
C ASP D 161 13.57 -3.17 -44.19
N LYS D 162 13.49 -2.14 -45.03
CA LYS D 162 13.27 -0.75 -44.59
C LYS D 162 11.88 -0.52 -44.01
N ARG D 163 10.90 -1.29 -44.48
CA ARG D 163 9.51 -1.14 -44.06
C ARG D 163 9.29 -1.56 -42.61
N VAL D 164 9.92 -2.67 -42.22
CA VAL D 164 9.82 -3.18 -40.83
C VAL D 164 10.68 -2.37 -39.86
N LEU D 165 11.83 -1.86 -40.32
CA LEU D 165 12.68 -1.00 -39.49
C LEU D 165 11.99 0.30 -39.10
N LYS D 166 11.22 0.87 -40.03
CA LYS D 166 10.35 2.01 -39.76
C LYS D 166 9.21 1.63 -38.82
N LEU D 167 8.63 0.44 -39.03
CA LEU D 167 7.54 -0.07 -38.20
C LEU D 167 7.98 -0.29 -36.74
N ILE D 168 9.15 -0.89 -36.56
CA ILE D 168 9.72 -1.11 -35.21
C ILE D 168 10.04 0.23 -34.54
N ARG D 169 10.66 1.14 -35.30
CA ARG D 169 10.94 2.49 -34.84
C ARG D 169 9.65 3.26 -34.51
N ALA D 170 8.59 3.04 -35.27
CA ALA D 170 7.28 3.66 -35.02
C ALA D 170 6.73 3.27 -33.65
N TYR D 171 6.86 1.99 -33.30
CA TYR D 171 6.46 1.49 -31.99
C TYR D 171 7.34 2.03 -30.85
N LEU D 172 8.63 2.20 -31.13
CA LEU D 172 9.54 2.86 -30.19
C LEU D 172 9.21 4.34 -30.04
N GLN D 173 8.87 4.98 -31.15
CA GLN D 173 8.52 6.42 -31.21
C GLN D 173 7.17 6.73 -30.57
N ALA D 174 6.23 5.77 -30.67
CA ALA D 174 4.87 5.93 -30.17
C ALA D 174 4.85 6.43 -28.73
N GLY D 175 4.05 7.46 -28.48
CA GLY D 175 4.08 8.16 -27.20
C GLY D 175 3.29 7.51 -26.09
N VAL D 176 3.10 8.27 -25.01
CA VAL D 176 2.24 7.89 -23.89
C VAL D 176 1.12 8.91 -23.78
N MET D 177 -0.08 8.44 -23.48
CA MET D 177 -1.26 9.30 -23.38
C MET D 177 -1.53 9.67 -21.92
N ILE D 178 -1.09 10.87 -21.54
CA ILE D 178 -1.26 11.37 -20.17
C ILE D 178 -2.42 12.36 -20.12
N GLU D 179 -3.58 11.86 -19.66
CA GLU D 179 -4.82 12.66 -19.54
C GLU D 179 -5.15 13.36 -20.87
N GLY D 180 -5.12 12.58 -21.95
CA GLY D 180 -5.49 13.05 -23.28
C GLY D 180 -4.51 13.94 -24.01
N VAL D 181 -3.21 13.64 -23.88
CA VAL D 181 -2.14 14.29 -24.67
C VAL D 181 -1.01 13.29 -24.95
N LYS D 182 -0.60 13.21 -26.21
CA LYS D 182 0.49 12.32 -26.62
C LYS D 182 1.84 12.95 -26.28
N VAL D 183 2.63 12.23 -25.48
CA VAL D 183 3.96 12.68 -25.05
C VAL D 183 4.99 11.81 -25.77
N GLN D 184 5.80 12.44 -26.62
CA GLN D 184 6.80 11.76 -27.45
C GLN D 184 7.84 10.99 -26.61
N THR D 185 8.29 9.85 -27.14
CA THR D 185 9.25 8.99 -26.45
C THR D 185 10.58 8.97 -27.20
N GLU D 186 11.56 9.71 -26.68
CA GLU D 186 12.89 9.79 -27.28
C GLU D 186 13.71 8.53 -27.01
N GLU D 187 13.58 7.97 -25.82
CA GLU D 187 14.27 6.74 -25.43
C GLU D 187 13.36 5.74 -24.71
N GLY D 188 13.62 4.46 -24.92
CA GLY D 188 12.94 3.39 -24.20
C GLY D 188 11.86 2.66 -24.97
N THR D 189 11.87 1.33 -24.86
CA THR D 189 10.78 0.47 -25.34
C THR D 189 9.72 0.31 -24.25
N PRO D 190 8.41 0.25 -24.62
CA PRO D 190 7.38 0.14 -23.59
C PRO D 190 7.34 -1.23 -22.92
N GLN D 191 7.24 -1.24 -21.58
CA GLN D 191 7.13 -2.49 -20.81
C GLN D 191 5.69 -2.95 -20.85
N GLY D 192 5.39 -3.87 -21.77
CA GLY D 192 4.01 -4.22 -22.09
C GLY D 192 3.78 -4.49 -23.56
N GLY D 193 4.65 -3.95 -24.41
CA GLY D 193 4.68 -4.31 -25.82
C GLY D 193 5.27 -5.70 -25.97
N PRO D 194 4.54 -6.62 -26.65
CA PRO D 194 5.04 -7.99 -26.88
C PRO D 194 6.42 -8.08 -27.54
N LEU D 195 6.77 -7.10 -28.38
CA LEU D 195 8.05 -7.06 -29.09
C LEU D 195 9.23 -6.58 -28.22
N SER D 196 8.93 -5.93 -27.09
CA SER D 196 9.94 -5.32 -26.23
C SER D 196 11.02 -6.26 -25.66
N PRO D 197 10.65 -7.45 -25.14
CA PRO D 197 11.69 -8.38 -24.66
C PRO D 197 12.71 -8.86 -25.70
N LEU D 198 12.27 -9.12 -26.93
CA LEU D 198 13.19 -9.50 -28.01
C LEU D 198 14.17 -8.37 -28.32
N LEU D 199 13.62 -7.16 -28.46
CA LEU D 199 14.41 -5.95 -28.68
C LEU D 199 15.45 -5.72 -27.59
N ALA D 200 15.09 -6.04 -26.34
CA ALA D 200 16.00 -5.96 -25.19
C ALA D 200 17.19 -6.90 -25.34
N ASN D 201 16.93 -8.13 -25.81
CA ASN D 201 17.98 -9.12 -26.06
C ASN D 201 18.87 -8.76 -27.25
N ILE D 202 18.30 -8.10 -28.27
CA ILE D 202 19.04 -7.65 -29.45
C ILE D 202 20.11 -6.62 -29.07
N LEU D 203 19.76 -5.71 -28.16
CA LEU D 203 20.70 -4.71 -27.64
C LEU D 203 21.81 -5.34 -26.79
N LEU D 204 21.41 -6.21 -25.85
CA LEU D 204 22.35 -6.91 -24.97
C LEU D 204 23.07 -8.10 -25.62
N ASP D 205 22.76 -8.39 -26.88
CA ASP D 205 23.47 -9.40 -27.66
C ASP D 205 24.97 -9.07 -27.76
N ASP D 206 25.28 -7.80 -27.98
CA ASP D 206 26.66 -7.32 -28.05
C ASP D 206 27.41 -7.45 -26.73
N LEU D 207 26.70 -7.22 -25.62
CA LEU D 207 27.25 -7.42 -24.27
C LEU D 207 27.69 -8.87 -24.07
N ASP D 208 26.92 -9.82 -24.59
CA ASP D 208 27.27 -11.24 -24.57
C ASP D 208 28.51 -11.51 -25.39
N LYS D 209 28.57 -10.94 -26.60
CA LYS D 209 29.69 -11.11 -27.53
C LYS D 209 30.99 -10.52 -27.00
N GLU D 210 30.89 -9.40 -26.28
CA GLU D 210 32.04 -8.75 -25.64
C GLU D 210 32.59 -9.61 -24.50
N LEU D 211 31.69 -10.09 -23.62
CA LEU D 211 32.04 -11.00 -22.55
C LEU D 211 32.57 -12.34 -23.08
N GLU D 212 31.99 -12.82 -24.18
CA GLU D 212 32.49 -14.00 -24.89
C GLU D 212 33.88 -13.78 -25.50
N LYS D 213 34.12 -12.57 -26.01
CA LYS D 213 35.42 -12.19 -26.58
C LYS D 213 36.52 -12.12 -25.51
N ARG D 214 36.17 -11.56 -24.35
CA ARG D 214 37.10 -11.47 -23.19
C ARG D 214 37.41 -12.81 -22.52
N GLY D 215 36.62 -13.84 -22.85
CA GLY D 215 36.83 -15.19 -22.33
C GLY D 215 36.33 -15.34 -20.91
N LEU D 216 35.18 -14.74 -20.63
CA LEU D 216 34.61 -14.69 -19.29
C LEU D 216 33.41 -15.63 -19.15
N LYS D 217 33.35 -16.29 -18.00
CA LYS D 217 32.27 -17.21 -17.67
C LYS D 217 31.12 -16.42 -17.07
N PHE D 218 29.92 -16.55 -17.66
CA PHE D 218 28.74 -15.78 -17.22
C PHE D 218 27.39 -16.47 -17.48
N CYS D 219 26.33 -15.87 -16.94
CA CYS D 219 24.94 -16.28 -17.17
C CYS D 219 24.04 -15.05 -17.18
N ARG D 220 23.43 -14.75 -18.34
CA ARG D 220 22.54 -13.60 -18.47
C ARG D 220 21.07 -14.01 -18.57
N TYR D 221 20.22 -13.30 -17.83
CA TYR D 221 18.77 -13.45 -17.88
C TYR D 221 18.18 -12.05 -17.90
N ALA D 222 17.92 -11.54 -19.10
CA ALA D 222 17.51 -10.13 -19.32
C ALA D 222 18.62 -9.20 -18.86
N ASP D 223 18.28 -8.15 -18.11
CA ASP D 223 19.28 -7.22 -17.61
C ASP D 223 20.10 -7.85 -16.48
N ASP D 224 19.56 -8.87 -15.83
CA ASP D 224 20.24 -9.53 -14.72
C ASP D 224 21.38 -10.39 -15.26
N CYS D 225 22.55 -9.78 -15.32
CA CYS D 225 23.76 -10.42 -15.83
C CYS D 225 24.76 -10.55 -14.70
N ASN D 226 25.46 -11.67 -14.67
CA ASN D 226 26.53 -11.85 -13.69
C ASN D 226 27.65 -12.77 -14.17
N ILE D 227 28.88 -12.35 -13.86
CA ILE D 227 30.10 -12.99 -14.34
C ILE D 227 30.79 -13.66 -13.15
N TYR D 228 31.24 -14.89 -13.35
CA TYR D 228 31.86 -15.68 -12.30
C TYR D 228 33.37 -15.76 -12.50
N VAL D 229 34.10 -15.61 -11.39
CA VAL D 229 35.56 -15.40 -11.43
C VAL D 229 36.30 -16.21 -10.35
N LYS D 230 37.61 -16.35 -10.53
CA LYS D 230 38.48 -17.12 -9.63
C LYS D 230 38.74 -16.44 -8.28
N SER D 231 38.89 -15.11 -8.27
CA SER D 231 39.14 -14.33 -7.06
C SER D 231 38.35 -13.02 -7.04
N LEU D 232 38.30 -12.37 -5.87
CA LEU D 232 37.59 -11.09 -5.70
C LEU D 232 38.27 -9.90 -6.35
N ARG D 233 39.60 -9.96 -6.47
CA ARG D 233 40.36 -8.92 -7.17
C ARG D 233 40.02 -8.90 -8.66
N ALA D 234 40.00 -10.08 -9.27
CA ALA D 234 39.59 -10.26 -10.67
C ALA D 234 38.14 -9.84 -10.89
N GLY D 235 37.28 -10.14 -9.91
CA GLY D 235 35.88 -9.73 -9.93
C GLY D 235 35.65 -8.24 -9.78
N GLN D 236 36.45 -7.59 -8.95
CA GLN D 236 36.40 -6.15 -8.76
C GLN D 236 36.95 -5.42 -9.98
N ARG D 237 37.97 -6.01 -10.61
CA ARG D 237 38.60 -5.47 -11.82
C ARG D 237 37.58 -5.40 -12.98
N VAL D 238 36.94 -6.52 -13.26
CA VAL D 238 35.99 -6.66 -14.36
C VAL D 238 34.67 -5.91 -14.14
N LYS D 239 34.33 -5.63 -12.88
CA LYS D 239 33.08 -4.94 -12.51
C LYS D 239 32.98 -3.55 -13.13
N GLN D 240 33.93 -2.67 -12.81
CA GLN D 240 33.95 -1.30 -13.32
C GLN D 240 34.35 -1.17 -14.78
N SER D 241 35.06 -2.18 -15.30
CA SER D 241 35.45 -2.24 -16.71
C SER D 241 34.24 -2.53 -17.61
N ILE D 242 33.46 -3.53 -17.24
CA ILE D 242 32.22 -3.91 -17.94
C ILE D 242 31.12 -2.86 -17.71
N GLN D 243 31.16 -2.19 -16.56
CA GLN D 243 30.21 -1.11 -16.25
C GLN D 243 30.32 0.02 -17.28
N ARG D 244 31.54 0.45 -17.57
CA ARG D 244 31.80 1.53 -18.52
C ARG D 244 31.51 1.14 -19.97
N PHE D 245 31.66 -0.14 -20.30
CA PHE D 245 31.36 -0.64 -21.66
C PHE D 245 29.91 -0.35 -22.04
N LEU D 246 28.97 -0.90 -21.29
CA LEU D 246 27.54 -0.75 -21.55
C LEU D 246 26.99 0.66 -21.27
N GLU D 247 27.72 1.45 -20.48
CA GLU D 247 27.35 2.82 -20.15
C GLU D 247 27.70 3.83 -21.25
N LYS D 248 28.76 3.55 -22.00
CA LYS D 248 29.23 4.44 -23.07
C LYS D 248 28.91 3.95 -24.48
N THR D 249 29.23 2.67 -24.75
CA THR D 249 28.99 2.08 -26.08
C THR D 249 27.50 1.82 -26.31
N LEU D 250 26.85 1.23 -25.29
CA LEU D 250 25.44 0.86 -25.37
C LEU D 250 24.49 1.91 -24.76
N LYS D 251 25.04 2.80 -23.92
CA LYS D 251 24.28 3.84 -23.20
C LYS D 251 23.14 3.26 -22.33
N LEU D 252 23.54 2.57 -21.27
CA LEU D 252 22.60 2.08 -20.25
C LEU D 252 23.18 2.28 -18.85
N LYS D 253 22.35 2.69 -17.91
CA LYS D 253 22.82 2.86 -16.53
C LYS D 253 22.77 1.54 -15.76
N VAL D 254 23.71 1.39 -14.83
CA VAL D 254 23.78 0.22 -13.93
C VAL D 254 23.18 0.56 -12.57
N ASN D 255 22.42 -0.38 -12.00
CA ASN D 255 21.82 -0.23 -10.69
C ASN D 255 22.84 -0.67 -9.63
N GLU D 256 23.46 0.32 -8.98
CA GLU D 256 24.52 0.08 -7.98
C GLU D 256 24.00 -0.54 -6.68
N GLU D 257 22.72 -0.33 -6.37
CA GLU D 257 22.06 -0.94 -5.21
C GLU D 257 21.96 -2.46 -5.37
N LYS D 258 21.62 -2.89 -6.59
CA LYS D 258 21.50 -4.30 -6.92
C LYS D 258 22.84 -4.94 -7.30
N SER D 259 23.68 -4.15 -7.98
CA SER D 259 24.99 -4.61 -8.44
C SER D 259 25.98 -4.71 -7.28
N ALA D 260 26.70 -5.84 -7.21
CA ALA D 260 27.75 -6.03 -6.20
C ALA D 260 28.75 -7.08 -6.63
N VAL D 261 29.88 -7.13 -5.93
CA VAL D 261 30.95 -8.08 -6.22
C VAL D 261 31.18 -8.99 -5.00
N ASP D 262 30.11 -9.58 -4.51
CA ASP D 262 30.16 -10.41 -3.31
C ASP D 262 30.37 -11.88 -3.67
N ARG D 263 30.34 -12.75 -2.66
CA ARG D 263 30.35 -14.21 -2.85
C ARG D 263 28.98 -14.65 -3.38
N PRO D 264 28.92 -15.72 -4.22
CA PRO D 264 27.65 -16.10 -4.82
C PRO D 264 26.61 -16.58 -3.81
N TRP D 265 27.05 -17.21 -2.73
CA TRP D 265 26.13 -17.67 -1.67
C TRP D 265 25.68 -16.60 -0.68
N LYS D 266 26.23 -15.39 -0.83
CA LYS D 266 25.78 -14.22 -0.07
C LYS D 266 24.90 -13.27 -0.94
N ARG D 267 24.52 -13.74 -2.12
CA ARG D 267 23.65 -12.97 -3.04
C ARG D 267 22.59 -13.84 -3.72
N ALA D 268 21.56 -13.18 -4.27
CA ALA D 268 20.45 -13.84 -4.97
C ALA D 268 20.56 -13.74 -6.48
N PHE D 269 20.27 -14.87 -7.14
CA PHE D 269 20.24 -14.94 -8.60
C PHE D 269 19.01 -15.73 -9.06
N LEU D 270 18.00 -14.98 -9.54
CA LEU D 270 16.74 -15.53 -10.05
C LEU D 270 15.96 -16.31 -8.98
N GLY D 271 15.87 -15.71 -7.80
CA GLY D 271 15.15 -16.27 -6.67
C GLY D 271 15.87 -17.38 -5.91
N PHE D 272 17.05 -17.74 -6.40
CA PHE D 272 17.88 -18.77 -5.77
C PHE D 272 19.15 -18.16 -5.22
N SER D 273 19.77 -18.90 -4.30
CA SER D 273 21.11 -18.62 -3.82
C SER D 273 21.84 -19.95 -3.75
N PHE D 274 23.09 -19.89 -3.31
CA PHE D 274 23.94 -21.07 -3.22
C PHE D 274 24.32 -21.31 -1.77
N THR D 275 24.98 -22.44 -1.53
CA THR D 275 25.46 -22.80 -0.19
C THR D 275 26.97 -22.57 -0.08
N PRO D 276 27.49 -22.39 1.16
CA PRO D 276 28.95 -22.36 1.37
C PRO D 276 29.73 -23.65 1.10
N GLU D 277 29.03 -24.76 0.83
CA GLU D 277 29.63 -26.10 0.72
C GLU D 277 30.67 -26.25 -0.40
N ARG D 278 31.59 -27.21 -0.22
CA ARG D 278 32.69 -27.49 -1.16
C ARG D 278 32.19 -27.85 -2.58
N LYS D 279 30.98 -28.40 -2.66
CA LYS D 279 30.22 -28.42 -3.90
C LYS D 279 28.94 -27.63 -3.63
N ALA D 280 28.85 -26.43 -4.21
CA ALA D 280 27.83 -25.45 -3.84
C ALA D 280 26.40 -25.84 -4.28
N ARG D 281 25.62 -26.33 -3.31
CA ARG D 281 24.23 -26.71 -3.55
C ARG D 281 23.34 -25.48 -3.72
N ILE D 282 22.29 -25.64 -4.53
CA ILE D 282 21.31 -24.59 -4.77
C ILE D 282 20.32 -24.55 -3.60
N ARG D 283 20.12 -23.35 -3.06
CA ARG D 283 19.15 -23.12 -1.99
C ARG D 283 18.21 -21.96 -2.36
N LEU D 284 17.19 -21.75 -1.53
CA LEU D 284 16.30 -20.61 -1.70
C LEU D 284 16.99 -19.34 -1.24
N ALA D 285 16.73 -18.24 -1.95
CA ALA D 285 17.13 -16.90 -1.54
C ALA D 285 16.29 -16.51 -0.32
N PRO D 286 16.83 -15.64 0.56
CA PRO D 286 16.05 -15.21 1.74
C PRO D 286 14.72 -14.55 1.36
N ARG D 287 14.73 -13.77 0.27
CA ARG D 287 13.53 -13.13 -0.28
C ARG D 287 12.49 -14.14 -0.77
N SER D 288 12.95 -15.23 -1.39
CA SER D 288 12.06 -16.28 -1.90
C SER D 288 11.26 -16.95 -0.80
N ILE D 289 11.91 -17.17 0.35
CA ILE D 289 11.26 -17.69 1.56
C ILE D 289 10.31 -16.65 2.13
N GLN D 290 10.79 -15.41 2.20
CA GLN D 290 10.05 -14.26 2.76
C GLN D 290 8.74 -13.99 2.00
N ARG D 291 8.78 -14.07 0.68
CA ARG D 291 7.59 -13.88 -0.16
C ARG D 291 6.58 -15.02 -0.02
N LEU D 292 7.07 -16.24 0.12
CA LEU D 292 6.22 -17.40 0.38
C LEU D 292 5.51 -17.25 1.72
N LYS D 293 6.25 -16.86 2.75
CA LYS D 293 5.70 -16.61 4.07
C LYS D 293 4.61 -15.53 4.02
N GLN D 294 4.94 -14.41 3.39
CA GLN D 294 4.01 -13.27 3.22
C GLN D 294 2.71 -13.70 2.55
N ARG D 295 2.82 -14.48 1.47
CA ARG D 295 1.67 -15.01 0.74
C ARG D 295 0.85 -16.01 1.57
N ILE D 296 1.53 -16.85 2.36
CA ILE D 296 0.84 -17.82 3.24
C ILE D 296 0.15 -17.11 4.41
N ARG D 297 0.79 -16.05 4.93
CA ARG D 297 0.24 -15.25 6.03
C ARG D 297 -1.07 -14.57 5.65
N GLN D 298 -1.16 -14.05 4.43
CA GLN D 298 -2.40 -13.42 3.93
C GLN D 298 -3.45 -14.44 3.46
N LEU D 299 -3.00 -15.56 2.88
CA LEU D 299 -3.91 -16.64 2.48
C LEU D 299 -4.63 -17.26 3.67
N THR D 300 -3.88 -17.50 4.74
CA THR D 300 -4.46 -17.91 6.03
C THR D 300 -5.15 -16.70 6.64
N ASN D 301 -6.38 -16.90 7.11
CA ASN D 301 -7.27 -15.84 7.58
C ASN D 301 -6.85 -15.21 8.94
N PRO D 302 -6.52 -13.89 8.92
CA PRO D 302 -6.38 -13.16 10.19
C PRO D 302 -7.73 -12.53 10.62
N ASN D 303 -7.89 -11.23 10.39
CA ASN D 303 -9.15 -10.55 10.70
C ASN D 303 -10.12 -10.57 9.52
N ILE D 306 -12.80 -16.55 4.67
CA ILE D 306 -12.93 -17.56 3.62
C ILE D 306 -13.29 -18.90 4.27
N SER D 307 -13.97 -19.78 3.51
CA SER D 307 -14.25 -21.16 3.92
C SER D 307 -12.97 -21.99 4.09
N MET D 308 -13.02 -22.98 4.98
CA MET D 308 -11.84 -23.80 5.33
C MET D 308 -11.32 -24.70 4.19
N PRO D 309 -12.19 -25.51 3.54
CA PRO D 309 -11.72 -26.31 2.40
C PRO D 309 -11.28 -25.47 1.19
N GLU D 310 -11.84 -24.27 1.04
CA GLU D 310 -11.44 -23.31 -0.01
C GLU D 310 -10.00 -22.82 0.21
N ARG D 311 -9.64 -22.57 1.47
CA ARG D 311 -8.29 -22.16 1.86
C ARG D 311 -7.26 -23.28 1.64
N ILE D 312 -7.67 -24.54 1.85
CA ILE D 312 -6.83 -25.69 1.53
C ILE D 312 -6.56 -25.77 0.02
N HIS D 313 -7.60 -25.48 -0.77
CA HIS D 313 -7.50 -25.43 -2.22
C HIS D 313 -6.65 -24.25 -2.71
N ARG D 314 -6.83 -23.10 -2.07
CA ARG D 314 -6.08 -21.88 -2.40
C ARG D 314 -4.62 -21.96 -1.97
N VAL D 315 -4.34 -22.62 -0.84
CA VAL D 315 -2.96 -22.85 -0.40
C VAL D 315 -2.29 -23.88 -1.29
N ASN D 316 -3.02 -24.95 -1.64
CA ASN D 316 -2.55 -25.97 -2.59
C ASN D 316 -2.19 -25.28 -3.89
N GLN D 317 -3.11 -24.42 -4.33
CA GLN D 317 -3.00 -23.77 -5.60
C GLN D 317 -1.74 -22.90 -5.73
N TYR D 318 -1.35 -22.20 -4.65
CA TYR D 318 -0.11 -21.43 -4.62
C TYR D 318 1.12 -22.30 -4.46
N VAL D 319 1.10 -23.14 -3.42
CA VAL D 319 2.29 -23.88 -2.97
C VAL D 319 2.76 -24.88 -4.02
N MET D 320 1.81 -25.59 -4.63
CA MET D 320 2.10 -26.56 -5.71
C MET D 320 2.69 -25.89 -6.96
N GLY D 321 2.23 -24.67 -7.21
CA GLY D 321 2.77 -23.84 -8.27
C GLY D 321 4.15 -23.30 -7.90
N TRP D 322 4.29 -22.86 -6.65
CA TRP D 322 5.54 -22.33 -6.13
C TRP D 322 6.66 -23.36 -6.24
N ILE D 323 6.46 -24.55 -5.69
CA ILE D 323 7.44 -25.66 -5.70
C ILE D 323 7.78 -26.15 -7.12
N GLY D 324 6.87 -25.89 -8.06
CA GLY D 324 7.09 -26.16 -9.48
C GLY D 324 8.35 -25.46 -9.99
N TYR D 325 8.51 -24.20 -9.59
CA TYR D 325 9.72 -23.43 -9.92
C TYR D 325 10.89 -23.77 -9.00
N PHE D 326 10.64 -23.71 -7.69
CA PHE D 326 11.70 -23.83 -6.70
C PHE D 326 12.19 -25.26 -6.41
N ARG D 327 11.68 -26.25 -7.16
CA ARG D 327 12.17 -27.64 -7.12
C ARG D 327 13.70 -27.79 -7.35
N LEU D 328 14.28 -26.82 -8.05
CA LEU D 328 15.71 -26.82 -8.35
C LEU D 328 16.62 -26.88 -7.10
N VAL D 329 16.12 -26.39 -5.97
CA VAL D 329 16.90 -26.40 -4.71
C VAL D 329 17.26 -27.83 -4.28
N GLU D 330 18.43 -27.97 -3.67
CA GLU D 330 18.96 -29.26 -3.25
C GLU D 330 19.02 -29.33 -1.72
N THR D 331 18.02 -28.74 -1.09
CA THR D 331 17.93 -28.66 0.36
C THR D 331 16.48 -28.92 0.84
N PRO D 332 16.10 -30.22 0.92
CA PRO D 332 14.76 -30.59 1.42
C PRO D 332 14.48 -30.27 2.90
N SER D 333 15.54 -29.97 3.66
CA SER D 333 15.46 -29.70 5.10
C SER D 333 14.63 -28.45 5.38
N VAL D 334 14.92 -27.36 4.65
CA VAL D 334 14.19 -26.08 4.78
C VAL D 334 12.77 -26.19 4.25
N LEU D 335 12.57 -27.04 3.25
CA LEU D 335 11.25 -27.31 2.69
C LEU D 335 10.37 -28.07 3.68
N GLN D 336 10.97 -28.97 4.45
CA GLN D 336 10.27 -29.71 5.51
C GLN D 336 9.86 -28.77 6.64
N THR D 337 10.72 -27.79 6.94
CA THR D 337 10.48 -26.81 8.01
C THR D 337 9.30 -25.92 7.68
N ILE D 338 9.34 -25.27 6.52
CA ILE D 338 8.27 -24.34 6.10
C ILE D 338 6.94 -25.05 5.79
N GLU D 339 7.01 -26.33 5.46
CA GLU D 339 5.79 -27.15 5.33
C GLU D 339 5.09 -27.31 6.68
N GLY D 340 5.87 -27.61 7.72
CA GLY D 340 5.39 -27.66 9.10
C GLY D 340 4.87 -26.31 9.56
N TRP D 341 5.54 -25.24 9.17
CA TRP D 341 5.14 -23.87 9.45
C TRP D 341 3.79 -23.52 8.80
N ILE D 342 3.59 -24.00 7.57
CA ILE D 342 2.30 -23.85 6.86
C ILE D 342 1.17 -24.49 7.65
N ARG D 343 1.41 -25.71 8.18
CA ARG D 343 0.43 -26.42 9.00
C ARG D 343 0.11 -25.69 10.32
N ARG D 344 1.13 -25.13 10.97
CA ARG D 344 0.95 -24.33 12.18
C ARG D 344 0.12 -23.07 11.91
N ARG D 345 0.36 -22.45 10.76
CA ARG D 345 -0.44 -21.32 10.27
C ARG D 345 -1.86 -21.76 9.95
N LEU D 346 -2.00 -22.95 9.37
CA LEU D 346 -3.31 -23.51 9.01
C LEU D 346 -4.10 -24.03 10.22
N ARG D 347 -3.41 -24.25 11.35
CA ARG D 347 -4.08 -24.56 12.61
C ARG D 347 -4.60 -23.31 13.32
N LEU D 348 -3.97 -22.17 13.08
CA LEU D 348 -4.40 -20.87 13.63
C LEU D 348 -5.81 -20.50 13.16
N CYS D 349 -6.09 -20.72 11.87
CA CYS D 349 -7.43 -20.54 11.30
C CYS D 349 -8.44 -21.55 11.85
N GLN D 350 -8.03 -22.82 11.91
CA GLN D 350 -8.87 -23.90 12.44
C GLN D 350 -9.23 -23.70 13.91
N TRP D 351 -8.28 -23.19 14.68
CA TRP D 351 -8.47 -22.92 16.11
C TRP D 351 -9.40 -21.73 16.37
N LEU D 352 -9.19 -20.65 15.61
CA LEU D 352 -10.03 -19.45 15.70
C LEU D 352 -11.44 -19.63 15.14
N GLN D 353 -11.62 -20.66 14.32
CA GLN D 353 -12.95 -21.08 13.83
C GLN D 353 -13.84 -21.60 14.97
N TRP D 354 -13.20 -22.19 15.99
CA TRP D 354 -13.88 -22.65 17.20
C TRP D 354 -13.51 -21.71 18.37
N LYS D 355 -14.25 -20.62 18.49
CA LYS D 355 -13.95 -19.60 19.51
C LYS D 355 -14.33 -20.02 20.93
N ARG D 356 -15.58 -20.46 21.11
CA ARG D 356 -16.07 -20.93 22.41
C ARG D 356 -15.49 -22.31 22.76
N VAL D 357 -15.37 -22.58 24.05
CA VAL D 357 -14.79 -23.85 24.55
C VAL D 357 -15.64 -25.09 24.23
N ARG D 358 -16.96 -24.93 24.24
CA ARG D 358 -17.93 -25.99 23.91
C ARG D 358 -17.74 -26.54 22.49
N THR D 359 -17.49 -25.63 21.55
CA THR D 359 -17.21 -26.01 20.17
C THR D 359 -15.83 -26.67 20.05
N ARG D 360 -14.86 -26.18 20.83
CA ARG D 360 -13.51 -26.78 20.90
C ARG D 360 -13.56 -28.20 21.46
N ILE D 361 -14.35 -28.39 22.52
CA ILE D 361 -14.57 -29.72 23.13
C ILE D 361 -15.32 -30.64 22.16
N ARG D 362 -16.32 -30.09 21.46
CA ARG D 362 -17.10 -30.82 20.47
C ARG D 362 -16.24 -31.33 19.29
N GLU D 363 -15.41 -30.44 18.73
CA GLU D 363 -14.63 -30.74 17.53
C GLU D 363 -13.44 -31.66 17.80
N LEU D 364 -12.72 -31.40 18.90
CA LEU D 364 -11.57 -32.24 19.31
C LEU D 364 -11.98 -33.68 19.65
N ARG D 365 -13.10 -33.84 20.37
CA ARG D 365 -13.65 -35.15 20.72
C ARG D 365 -14.10 -35.93 19.48
N ALA D 366 -14.70 -35.23 18.52
CA ALA D 366 -15.11 -35.80 17.24
C ALA D 366 -13.91 -36.24 16.37
N LEU D 367 -12.83 -35.46 16.45
CA LEU D 367 -11.58 -35.76 15.73
C LEU D 367 -10.85 -37.01 16.21
N GLY D 368 -11.11 -37.42 17.45
CA GLY D 368 -10.54 -38.64 18.01
C GLY D 368 -9.46 -38.43 19.05
N LEU D 369 -9.27 -37.18 19.48
CA LEU D 369 -8.35 -36.84 20.56
C LEU D 369 -8.91 -37.35 21.88
N LYS D 370 -8.02 -37.90 22.72
CA LYS D 370 -8.43 -38.50 24.00
C LYS D 370 -8.96 -37.45 24.97
N GLU D 371 -9.92 -37.86 25.80
CA GLU D 371 -10.71 -36.98 26.67
C GLU D 371 -9.88 -36.14 27.65
N THR D 372 -8.78 -36.71 28.14
CA THR D 372 -7.84 -36.02 29.03
C THR D 372 -7.15 -34.85 28.32
N ALA D 373 -6.76 -35.08 27.07
CA ALA D 373 -6.08 -34.08 26.24
C ALA D 373 -7.01 -32.96 25.79
N VAL D 374 -8.29 -33.28 25.57
CA VAL D 374 -9.29 -32.29 25.13
C VAL D 374 -9.50 -31.22 26.20
N MET D 375 -9.75 -31.67 27.43
CA MET D 375 -10.05 -30.77 28.57
C MET D 375 -8.83 -29.97 29.02
N GLU D 376 -7.64 -30.53 28.81
CA GLU D 376 -6.39 -29.88 29.17
C GLU D 376 -6.10 -28.64 28.31
N ILE D 377 -6.51 -28.67 27.05
CA ILE D 377 -6.21 -27.59 26.08
C ILE D 377 -7.39 -26.68 25.73
N ALA D 378 -8.61 -27.22 25.76
CA ALA D 378 -9.80 -26.50 25.28
C ALA D 378 -10.05 -25.17 26.00
N ASN D 379 -9.79 -25.13 27.30
CA ASN D 379 -10.03 -23.91 28.10
C ASN D 379 -8.75 -23.25 28.62
N THR D 380 -7.77 -23.11 27.72
CA THR D 380 -6.46 -22.57 28.08
C THR D 380 -6.38 -21.04 27.97
N ARG D 381 -5.59 -20.45 28.86
CA ARG D 381 -5.26 -19.01 28.80
C ARG D 381 -4.19 -18.71 27.73
N LYS D 382 -3.45 -19.75 27.32
CA LYS D 382 -2.45 -19.65 26.24
C LYS D 382 -3.05 -19.05 24.97
N GLY D 383 -2.29 -18.18 24.33
CA GLY D 383 -2.70 -17.52 23.08
C GLY D 383 -2.87 -18.48 21.92
N ALA D 384 -3.46 -17.97 20.84
CA ALA D 384 -3.74 -18.76 19.64
C ALA D 384 -2.47 -19.32 18.99
N TRP D 385 -1.44 -18.48 18.85
CA TRP D 385 -0.16 -18.90 18.27
C TRP D 385 0.65 -19.80 19.22
N ARG D 386 0.43 -19.65 20.53
CA ARG D 386 1.02 -20.53 21.53
C ARG D 386 0.40 -21.93 21.44
N THR D 387 -0.94 -21.99 21.38
CA THR D 387 -1.69 -23.26 21.33
C THR D 387 -1.48 -24.05 20.03
N THR D 388 -1.06 -23.37 18.97
CA THR D 388 -0.80 -24.03 17.69
C THR D 388 0.42 -24.96 17.72
N LYS D 389 1.35 -24.68 18.63
CA LYS D 389 2.55 -25.52 18.80
C LYS D 389 2.53 -26.38 20.08
N THR D 390 1.35 -26.70 20.59
CA THR D 390 1.19 -27.58 21.77
C THR D 390 1.09 -29.06 21.36
N PRO D 391 1.44 -30.01 22.29
CA PRO D 391 1.32 -31.45 21.98
C PRO D 391 -0.10 -31.91 21.61
N GLN D 392 -1.12 -31.23 22.15
CA GLN D 392 -2.52 -31.59 21.93
C GLN D 392 -2.98 -31.28 20.50
N LEU D 393 -2.62 -30.10 19.99
CA LEU D 393 -3.05 -29.66 18.67
C LEU D 393 -2.25 -30.28 17.53
N HIS D 394 -1.00 -30.68 17.80
CA HIS D 394 -0.23 -31.52 16.89
C HIS D 394 -0.87 -32.89 16.72
N GLN D 395 -1.41 -33.44 17.80
CA GLN D 395 -2.05 -34.75 17.79
C GLN D 395 -3.38 -34.72 17.03
N ALA D 396 -4.24 -33.79 17.43
CA ALA D 396 -5.58 -33.62 16.86
C ALA D 396 -5.53 -33.14 15.41
N LEU D 397 -4.66 -32.19 15.13
CA LEU D 397 -4.57 -31.59 13.80
C LEU D 397 -3.15 -31.73 13.26
N GLY D 398 -2.70 -32.97 13.09
CA GLY D 398 -1.37 -33.27 12.57
C GLY D 398 -1.33 -33.27 11.07
N LYS D 399 -0.20 -33.70 10.51
CA LYS D 399 -0.05 -33.87 9.07
C LYS D 399 -1.06 -34.88 8.51
N THR D 400 -1.36 -35.91 9.31
CA THR D 400 -2.35 -36.93 8.98
C THR D 400 -3.72 -36.33 8.68
N TYR D 401 -4.13 -35.38 9.54
CA TYR D 401 -5.41 -34.68 9.41
C TYR D 401 -5.47 -33.84 8.14
N TRP D 402 -4.45 -33.00 7.95
CA TRP D 402 -4.39 -32.08 6.81
C TRP D 402 -4.27 -32.80 5.47
N THR D 403 -3.52 -33.91 5.43
CA THR D 403 -3.45 -34.77 4.25
C THR D 403 -4.82 -35.39 3.93
N ALA D 404 -5.48 -35.93 4.96
CA ALA D 404 -6.81 -36.54 4.83
C ALA D 404 -7.92 -35.53 4.53
N GLN D 405 -7.67 -34.25 4.85
CA GLN D 405 -8.58 -33.15 4.52
C GLN D 405 -8.11 -32.31 3.32
N GLY D 406 -7.34 -32.93 2.42
CA GLY D 406 -7.03 -32.32 1.11
C GLY D 406 -5.74 -31.55 0.90
N LEU D 407 -5.00 -31.25 1.97
CA LEU D 407 -3.75 -30.48 1.86
C LEU D 407 -2.62 -31.28 1.20
N LYS D 408 -1.99 -30.68 0.20
CA LYS D 408 -0.91 -31.30 -0.55
C LYS D 408 0.43 -31.09 0.15
N SER D 409 1.18 -32.17 0.30
CA SER D 409 2.50 -32.12 0.93
C SER D 409 3.50 -31.47 -0.02
N LEU D 410 4.16 -30.43 0.48
CA LEU D 410 5.16 -29.68 -0.27
C LEU D 410 6.36 -30.55 -0.62
N THR D 411 6.95 -31.20 0.39
CA THR D 411 8.15 -32.01 0.23
C THR D 411 7.91 -33.28 -0.58
N GLN D 412 6.68 -33.79 -0.56
CA GLN D 412 6.31 -34.95 -1.37
C GLN D 412 6.43 -34.63 -2.85
N ARG D 413 5.78 -33.55 -3.27
CA ARG D 413 5.81 -33.09 -4.65
C ARG D 413 7.17 -32.60 -5.09
N TYR D 414 7.98 -32.10 -4.14
CA TYR D 414 9.38 -31.78 -4.38
C TYR D 414 10.15 -33.03 -4.84
N PHE D 415 9.92 -34.16 -4.17
CA PHE D 415 10.53 -35.45 -4.55
C PHE D 415 9.92 -36.04 -5.82
N GLU D 416 8.61 -35.92 -5.97
CA GLU D 416 7.90 -36.44 -7.14
C GLU D 416 8.19 -35.67 -8.45
N LEU D 417 8.75 -34.48 -8.32
CA LEU D 417 9.22 -33.70 -9.47
C LEU D 417 10.72 -33.91 -9.76
N ARG D 418 11.28 -35.03 -9.31
CA ARG D 418 12.72 -35.31 -9.44
C ARG D 418 13.02 -36.77 -9.80
PG DTP G . -21.65 17.65 14.69
O1G DTP G . -21.55 16.23 14.26
O2G DTP G . -23.08 18.09 14.99
O3G DTP G . -21.05 18.60 13.64
PB DTP G . -19.98 17.02 17.03
O1B DTP G . -20.65 15.71 17.29
O2B DTP G . -19.65 17.88 18.25
O3B DTP G . -20.82 17.92 16.03
PA DTP G . -18.08 15.47 15.52
O1A DTP G . -19.22 14.57 15.13
O2A DTP G . -17.11 15.93 14.43
O3A DTP G . -18.63 16.78 16.23
O5' DTP G . -17.18 14.76 16.62
C5' DTP G . -17.72 14.05 17.75
C4' DTP G . -17.02 14.54 18.99
O4' DTP G . -15.60 14.40 18.84
C3' DTP G . -17.23 16.02 19.30
O3' DTP G . -18.44 16.22 20.03
C2' DTP G . -16.00 16.34 20.13
C1' DTP G . -14.93 15.42 19.57
N9 DTP G . -13.96 16.06 18.69
C8 DTP G . -13.89 16.07 17.33
N7 DTP G . -12.90 16.78 16.84
C5 DTP G . -12.28 17.29 17.97
C6 DTP G . -11.15 18.13 18.14
N6 DTP G . -10.44 18.62 17.14
N1 DTP G . -10.79 18.43 19.42
C2 DTP G . -11.51 17.94 20.43
N3 DTP G . -12.58 17.15 20.39
C4 DTP G . -12.92 16.85 19.12
S SO4 H . 5.05 14.09 -15.78
O1 SO4 H . 6.00 13.30 -14.96
O2 SO4 H . 4.44 13.21 -16.81
O3 SO4 H . 5.77 15.20 -16.45
O4 SO4 H . 3.99 14.66 -14.91
MG MG I . -21.36 14.53 15.61
PG DTP J . 15.36 -1.82 -11.59
O1G DTP J . 16.28 -2.88 -11.77
O2G DTP J . 16.03 -0.45 -11.61
O3G DTP J . 14.59 -1.98 -10.28
PB DTP J . 14.09 -2.53 -14.15
O1B DTP J . 15.37 -2.66 -14.89
O2B DTP J . 12.95 -1.80 -14.89
O3B DTP J . 14.27 -1.79 -12.76
PA DTP J . 14.12 -5.45 -13.63
O1A DTP J . 13.26 -6.22 -12.63
O2A DTP J . 15.57 -5.46 -13.36
O3A DTP J . 13.53 -3.96 -13.69
O5' DTP J . 13.77 -6.09 -15.04
C5' DTP J . 14.39 -5.71 -16.29
C4' DTP J . 13.32 -5.43 -17.30
O4' DTP J . 12.40 -6.54 -17.39
C3' DTP J . 12.43 -4.24 -16.99
O3' DTP J . 13.05 -3.01 -17.35
C2' DTP J . 11.20 -4.54 -17.83
C1' DTP J . 11.12 -6.07 -17.79
N9 DTP J . 10.11 -6.58 -16.86
C8 DTP J . 10.27 -6.99 -15.56
N7 DTP J . 9.14 -7.31 -14.96
C5 DTP J . 8.18 -7.09 -15.95
C6 DTP J . 6.78 -7.22 -15.94
N6 DTP J . 6.06 -7.64 -14.89
N1 DTP J . 6.12 -6.91 -17.08
C2 DTP J . 6.82 -6.49 -18.14
N3 DTP J . 8.14 -6.35 -18.26
C4 DTP J . 8.77 -6.65 -17.12
S SO4 K . 2.74 -31.51 12.48
O1 SO4 K . 4.13 -31.90 12.13
O2 SO4 K . 2.43 -32.02 13.84
O3 SO4 K . 2.60 -30.04 12.46
O4 SO4 K . 1.82 -32.12 11.50
MG MG L . 16.86 -3.72 -13.68
#